data_9NNQ
#
_entry.id   9NNQ
#
_cell.length_a   152.846
_cell.length_b   152.846
_cell.length_c   152.846
_cell.angle_alpha   90.000
_cell.angle_beta   90.000
_cell.angle_gamma   90.000
#
_symmetry.space_group_name_H-M   'P 21 3'
#
loop_
_entity.id
_entity.type
_entity.pdbx_description
1 polymer 'Lysine N-acyltransferase MbtK'
2 non-polymer 'MAGNESIUM ION'
3 non-polymer 'SULFATE ION'
4 non-polymer GLYCEROL
5 water water
#
_entity_poly.entity_id   1
_entity_poly.type   'polypeptide(L)'
_entity_poly.pdbx_seq_one_letter_code
;MHHHHHHSSGVDLGTENLYFQSNAMAGDVELADRARRRACRLLRRWLAETHTPVEPGPLSLRIGPVRVSAEVAYRSPTGA
HGFGPIRVLDAEGVPVALADPVLLAAACSADSRSRSLPSAPINAPDAGTAVDWVLSSLADDEDDEVPAGMTAEEAVRLLS
RQVDDLPRSPGADPWSLVAGPLAAIGRFGRAGIADECWLLEVLAGRLRAVDDDLSRSWLSSPTLADRAVLVGEGLRYRPD
VRPVPFDVPNPLHEGKSDVPPPPVPVLGGPWSLRPVEVAVHGDGGPDVALVHRWMNTPHVAHHWNQAWPLERWREELAHQ
LGGEHSLPCVVGHEGREVAYLELYRVTRDKLAGCYPYGPHDLGVHIAIGEREVLGRGFGSSLLRAVAGALLDADPRCARV
VAEPNVHNEASVRAFAKAGFVREREIGLPAKNSALMVFSRV
;
_entity_poly.pdbx_strand_id   A,B
#
loop_
_chem_comp.id
_chem_comp.type
_chem_comp.name
_chem_comp.formula
GOL non-polymer GLYCEROL 'C3 H8 O3'
MG non-polymer 'MAGNESIUM ION' 'Mg 2'
SO4 non-polymer 'SULFATE ION' 'O4 S -2'
#
# COMPACT_ATOMS: atom_id res chain seq x y z
N HIS A 6 28.82 10.93 -28.27
CA HIS A 6 29.79 9.96 -27.75
C HIS A 6 29.77 9.86 -26.20
N HIS A 7 28.58 9.49 -25.72
CA HIS A 7 28.33 9.14 -24.33
C HIS A 7 27.54 7.84 -24.42
N SER A 8 28.12 6.77 -23.91
CA SER A 8 27.47 5.47 -24.08
C SER A 8 26.55 5.11 -22.94
N SER A 9 26.76 5.67 -21.74
CA SER A 9 25.87 5.47 -20.61
C SER A 9 24.86 6.60 -20.42
N GLY A 10 24.77 7.55 -21.36
CA GLY A 10 23.83 8.64 -21.25
C GLY A 10 23.45 9.13 -22.62
N VAL A 11 22.67 10.20 -22.67
CA VAL A 11 22.27 10.82 -23.92
C VAL A 11 23.13 12.05 -24.14
N ASP A 12 23.70 12.19 -25.34
CA ASP A 12 24.46 13.39 -25.70
C ASP A 12 23.54 14.60 -25.62
N LEU A 13 23.98 15.65 -24.92
CA LEU A 13 23.11 16.76 -24.56
C LEU A 13 23.25 17.97 -25.49
N GLY A 14 22.11 18.43 -26.01
CA GLY A 14 22.01 19.74 -26.60
C GLY A 14 21.05 20.60 -25.79
N THR A 15 21.04 21.91 -26.10
CA THR A 15 20.09 22.80 -25.44
C THR A 15 18.65 22.31 -25.60
N GLU A 16 18.36 21.65 -26.72
CA GLU A 16 16.99 21.18 -26.94
C GLU A 16 16.63 20.10 -25.94
N ASN A 17 17.57 19.19 -25.65
CA ASN A 17 17.31 18.20 -24.63
C ASN A 17 17.05 18.84 -23.28
N LEU A 18 17.89 19.82 -22.89
CA LEU A 18 17.63 20.49 -21.63
C LEU A 18 16.26 21.14 -21.64
N TYR A 19 15.88 21.73 -22.76
CA TYR A 19 14.57 22.35 -22.83
C TYR A 19 13.46 21.34 -22.58
N PHE A 20 13.46 20.23 -23.32
CA PHE A 20 12.39 19.24 -23.16
C PHE A 20 12.27 18.76 -21.72
N GLN A 21 13.40 18.38 -21.12
CA GLN A 21 13.37 17.77 -19.82
C GLN A 21 13.06 18.78 -18.72
N SER A 22 13.38 20.04 -18.96
CA SER A 22 13.09 21.08 -17.98
C SER A 22 11.64 21.52 -18.06
N ASN A 23 11.06 21.51 -19.25
CA ASN A 23 9.63 21.73 -19.35
C ASN A 23 8.90 20.71 -18.50
N ALA A 24 9.26 19.43 -18.66
CA ALA A 24 8.66 18.36 -17.87
C ALA A 24 8.87 18.57 -16.38
N MET A 25 10.06 19.03 -15.99
CA MET A 25 10.32 19.26 -14.57
C MET A 25 9.47 20.39 -13.99
N ALA A 26 8.84 21.21 -14.83
CA ALA A 26 8.09 22.36 -14.31
C ALA A 26 6.84 21.92 -13.57
N GLY A 27 6.12 20.93 -14.09
CA GLY A 27 4.89 20.49 -13.44
C GLY A 27 5.11 19.68 -12.17
N ASP A 28 6.34 19.29 -11.85
CA ASP A 28 6.57 18.46 -10.68
C ASP A 28 6.25 19.21 -9.40
N VAL A 29 6.40 20.54 -9.41
CA VAL A 29 6.01 21.35 -8.25
C VAL A 29 4.54 21.17 -7.96
N GLU A 30 3.72 21.26 -9.00
CA GLU A 30 2.29 20.99 -8.84
C GLU A 30 2.03 19.54 -8.45
N LEU A 31 2.77 18.59 -9.01
CA LEU A 31 2.52 17.21 -8.63
C LEU A 31 2.74 17.02 -7.14
N ALA A 32 3.75 17.69 -6.57
CA ALA A 32 3.99 17.50 -5.14
C ALA A 32 2.87 18.14 -4.33
N ASP A 33 2.31 19.22 -4.83
CA ASP A 33 1.21 19.85 -4.14
C ASP A 33 -0.04 18.97 -4.21
N ARG A 34 -0.22 18.26 -5.32
CA ARG A 34 -1.36 17.37 -5.43
C ARG A 34 -1.25 16.20 -4.45
N ALA A 35 -0.03 15.69 -4.25
CA ALA A 35 0.15 14.66 -3.23
C ALA A 35 -0.08 15.23 -1.84
N ARG A 36 0.32 16.48 -1.61
CA ARG A 36 0.06 17.11 -0.32
C ARG A 36 -1.44 17.18 -0.05
N ARG A 37 -2.22 17.67 -1.03
CA ARG A 37 -3.66 17.79 -0.83
C ARG A 37 -4.27 16.42 -0.55
N ARG A 38 -3.76 15.38 -1.21
CA ARG A 38 -4.32 14.04 -1.04
C ARG A 38 -4.03 13.50 0.35
N ALA A 39 -2.78 13.64 0.82
CA ALA A 39 -2.43 13.14 2.13
C ALA A 39 -3.24 13.87 3.21
N CYS A 40 -3.41 15.19 3.04
CA CYS A 40 -4.26 15.96 3.94
C CYS A 40 -5.71 15.45 3.94
N ARG A 41 -6.25 15.11 2.77
CA ARG A 41 -7.61 14.59 2.77
C ARG A 41 -7.69 13.29 3.52
N LEU A 42 -6.72 12.41 3.30
CA LEU A 42 -6.70 11.15 4.03
C LEU A 42 -6.62 11.39 5.53
N LEU A 43 -5.77 12.32 5.94
CA LEU A 43 -5.59 12.58 7.37
C LEU A 43 -6.85 13.16 8.01
N ARG A 44 -7.53 14.10 7.33
CA ARG A 44 -8.79 14.64 7.85
C ARG A 44 -9.83 13.53 8.07
N ARG A 45 -9.94 12.59 7.11
CA ARG A 45 -10.87 11.47 7.26
C ARG A 45 -10.48 10.59 8.44
N TRP A 46 -9.18 10.29 8.56
CA TRP A 46 -8.72 9.47 9.68
C TRP A 46 -9.12 10.09 11.00
N LEU A 47 -8.94 11.41 11.13
CA LEU A 47 -9.29 12.08 12.37
C LEU A 47 -10.81 12.06 12.61
N ALA A 48 -11.62 12.32 11.56
CA ALA A 48 -13.06 12.31 11.77
C ALA A 48 -13.53 10.91 12.12
N GLU A 49 -13.02 9.90 11.42
CA GLU A 49 -13.52 8.55 11.59
C GLU A 49 -13.01 7.88 12.86
N THR A 50 -11.94 8.37 13.45
CA THR A 50 -11.56 7.90 14.76
C THR A 50 -11.99 8.88 15.85
N HIS A 51 -12.73 9.92 15.49
CA HIS A 51 -13.19 10.90 16.46
C HIS A 51 -12.03 11.42 17.31
N THR A 52 -10.88 11.63 16.68
CA THR A 52 -9.72 12.15 17.40
C THR A 52 -9.85 13.67 17.56
N PRO A 53 -9.79 14.20 18.78
CA PRO A 53 -9.88 15.66 18.95
C PRO A 53 -8.64 16.34 18.41
N VAL A 54 -8.81 17.57 17.95
CA VAL A 54 -7.74 18.31 17.30
C VAL A 54 -7.73 19.73 17.84
N GLU A 55 -6.55 20.19 18.24
CA GLU A 55 -6.33 21.56 18.68
C GLU A 55 -5.28 22.22 17.80
N PRO A 56 -5.26 23.56 17.75
CA PRO A 56 -4.18 24.23 17.04
C PRO A 56 -2.85 23.80 17.66
N GLY A 57 -1.83 23.65 16.82
CA GLY A 57 -0.55 23.23 17.30
C GLY A 57 -0.16 21.84 16.88
N PRO A 58 0.82 21.26 17.55
CA PRO A 58 1.36 19.97 17.12
C PRO A 58 0.37 18.84 17.32
N LEU A 59 0.26 18.00 16.31
CA LEU A 59 -0.57 16.82 16.38
C LEU A 59 0.36 15.63 16.24
N SER A 60 0.24 14.67 17.13
CA SER A 60 1.09 13.49 17.09
C SER A 60 0.20 12.28 17.24
N LEU A 61 0.36 11.31 16.33
CA LEU A 61 -0.52 10.16 16.21
C LEU A 61 0.27 8.92 15.90
N ARG A 62 -0.17 7.81 16.46
CA ARG A 62 0.30 6.50 16.07
C ARG A 62 -0.73 5.99 15.06
N ILE A 63 -0.30 5.70 13.84
CA ILE A 63 -1.20 5.14 12.83
C ILE A 63 -0.57 3.86 12.34
N GLY A 64 -1.16 2.73 12.75
CA GLY A 64 -0.62 1.44 12.37
C GLY A 64 0.85 1.34 12.75
N PRO A 65 1.69 1.03 11.76
CA PRO A 65 3.10 0.80 12.05
C PRO A 65 3.95 2.06 12.19
N VAL A 66 3.42 3.26 12.05
CA VAL A 66 4.26 4.45 12.00
C VAL A 66 3.73 5.53 12.93
N ARG A 67 4.64 6.32 13.49
CA ARG A 67 4.27 7.52 14.22
C ARG A 67 4.18 8.64 13.22
N VAL A 68 3.09 9.39 13.25
CA VAL A 68 2.87 10.49 12.32
C VAL A 68 2.75 11.77 13.12
N SER A 69 3.35 12.84 12.65
CA SER A 69 3.12 14.11 13.33
C SER A 69 2.96 15.24 12.31
N ALA A 70 2.27 16.29 12.74
CA ALA A 70 2.01 17.42 11.86
C ALA A 70 1.58 18.62 12.68
N GLU A 71 1.94 19.79 12.19
CA GLU A 71 1.44 21.02 12.76
C GLU A 71 0.01 21.25 12.29
N VAL A 72 -0.90 21.52 13.23
CA VAL A 72 -2.25 21.95 12.87
C VAL A 72 -2.21 23.47 12.82
N ALA A 73 -2.01 24.03 11.62
CA ALA A 73 -1.96 25.48 11.49
C ALA A 73 -3.35 26.12 11.57
N TYR A 74 -4.35 25.49 10.96
CA TYR A 74 -5.72 25.99 10.97
C TYR A 74 -6.61 24.86 11.50
N ARG A 75 -7.17 25.05 12.70
CA ARG A 75 -8.10 24.09 13.29
C ARG A 75 -9.52 24.46 12.90
N SER A 76 -10.13 23.63 12.12
CA SER A 76 -11.44 23.85 11.53
C SER A 76 -12.55 23.29 12.42
N PRO A 77 -13.62 24.06 12.63
CA PRO A 77 -14.79 23.53 13.36
C PRO A 77 -15.51 22.40 12.66
N THR A 78 -15.27 22.17 11.36
CA THR A 78 -15.89 21.05 10.66
C THR A 78 -14.90 19.96 10.30
N GLY A 79 -13.66 20.03 10.79
CA GLY A 79 -12.67 19.03 10.48
C GLY A 79 -11.87 19.31 9.22
N ALA A 80 -12.09 20.44 8.55
CA ALA A 80 -11.31 20.78 7.36
C ALA A 80 -10.00 21.48 7.74
N HIS A 81 -9.17 20.80 8.53
CA HIS A 81 -7.99 21.44 9.10
C HIS A 81 -6.92 21.74 8.04
N GLY A 82 -6.10 22.75 8.33
CA GLY A 82 -4.93 23.06 7.53
C GLY A 82 -3.69 22.59 8.27
N PHE A 83 -2.85 21.83 7.58
CA PHE A 83 -1.68 21.17 8.16
C PHE A 83 -0.41 21.75 7.58
N GLY A 84 0.66 21.74 8.38
CA GLY A 84 2.00 21.79 7.85
C GLY A 84 2.39 20.43 7.33
N PRO A 85 3.65 20.24 6.96
CA PRO A 85 4.06 18.97 6.37
C PRO A 85 3.80 17.84 7.34
N ILE A 86 3.28 16.74 6.80
CA ILE A 86 2.98 15.56 7.59
C ILE A 86 4.21 14.67 7.54
N ARG A 87 4.75 14.32 8.72
CA ARG A 87 6.00 13.59 8.76
C ARG A 87 5.85 12.31 9.56
N VAL A 88 6.61 11.29 9.17
CA VAL A 88 6.77 10.05 9.92
C VAL A 88 7.98 10.20 10.84
N LEU A 89 7.82 9.81 12.10
CA LEU A 89 8.87 9.88 13.12
C LEU A 89 9.29 8.48 13.54
N ASP A 90 10.58 8.31 13.85
CA ASP A 90 11.01 7.06 14.45
C ASP A 90 10.71 7.08 15.95
N ALA A 91 11.13 6.04 16.67
CA ALA A 91 10.78 5.92 18.08
C ALA A 91 11.31 7.08 18.91
N GLU A 92 12.46 7.64 18.53
CA GLU A 92 13.06 8.77 19.23
C GLU A 92 12.50 10.11 18.79
N GLY A 93 11.56 10.14 17.86
CA GLY A 93 11.04 11.41 17.41
C GLY A 93 11.78 12.07 16.27
N VAL A 94 12.66 11.35 15.57
CA VAL A 94 13.37 11.89 14.40
C VAL A 94 12.58 11.69 13.11
N PRO A 95 12.31 12.75 12.34
CA PRO A 95 11.61 12.56 11.06
C PRO A 95 12.41 11.68 10.10
N VAL A 96 11.79 10.63 9.59
CA VAL A 96 12.45 9.74 8.65
C VAL A 96 11.79 9.72 7.28
N ALA A 97 10.58 10.23 7.14
CA ALA A 97 9.93 10.30 5.83
C ALA A 97 8.83 11.35 5.86
N LEU A 98 8.51 11.86 4.66
CA LEU A 98 7.28 12.64 4.45
C LEU A 98 6.12 11.68 4.21
N ALA A 99 4.95 12.03 4.76
CA ALA A 99 3.80 11.14 4.77
C ALA A 99 2.98 11.36 3.51
N ASP A 100 3.44 10.77 2.44
CA ASP A 100 2.77 10.94 1.17
C ASP A 100 1.53 10.03 1.10
N PRO A 101 0.61 10.28 0.14
CA PRO A 101 -0.72 9.67 0.25
C PRO A 101 -0.74 8.15 0.33
N VAL A 102 0.00 7.44 -0.51
CA VAL A 102 -0.07 5.98 -0.43
C VAL A 102 0.56 5.46 0.86
N LEU A 103 1.58 6.15 1.37
CA LEU A 103 2.13 5.81 2.67
C LEU A 103 1.05 5.89 3.75
N LEU A 104 0.33 7.02 3.80
CA LEU A 104 -0.77 7.16 4.75
C LEU A 104 -1.83 6.11 4.53
N ALA A 105 -2.20 5.88 3.26
CA ALA A 105 -3.20 4.86 2.96
C ALA A 105 -2.77 3.49 3.49
N ALA A 106 -1.46 3.20 3.46
CA ALA A 106 -1.00 1.90 3.94
C ALA A 106 -1.02 1.86 5.47
N ALA A 107 -0.64 2.97 6.09
CA ALA A 107 -0.67 2.99 7.55
C ALA A 107 -2.11 2.93 8.04
N CYS A 108 -3.00 3.73 7.44
CA CYS A 108 -4.40 3.72 7.86
C CYS A 108 -5.03 2.36 7.67
N SER A 109 -4.76 1.73 6.52
CA SER A 109 -5.30 0.40 6.24
C SER A 109 -4.82 -0.60 7.29
N ALA A 110 -3.52 -0.61 7.57
CA ALA A 110 -3.00 -1.51 8.60
C ALA A 110 -3.66 -1.26 9.95
N ASP A 111 -3.79 0.02 10.34
CA ASP A 111 -4.40 0.36 11.63
C ASP A 111 -5.87 -0.06 11.66
N SER A 112 -6.59 0.25 10.58
CA SER A 112 -8.02 -0.02 10.57
C SER A 112 -8.31 -1.51 10.59
N ARG A 113 -7.63 -2.28 9.73
CA ARG A 113 -7.83 -3.72 9.68
C ARG A 113 -7.49 -4.33 11.03
N SER A 114 -6.52 -3.76 11.72
CA SER A 114 -6.17 -4.21 13.04
C SER A 114 -7.21 -3.80 14.08
N ARG A 115 -7.91 -2.66 13.86
CA ARG A 115 -8.87 -2.18 14.85
C ARG A 115 -10.11 -3.05 14.87
N SER A 116 -10.55 -3.49 13.71
CA SER A 116 -11.74 -4.32 13.63
C SER A 116 -11.40 -5.80 13.88
N LEU A 117 -12.44 -6.59 14.09
CA LEU A 117 -12.25 -8.00 14.39
C LEU A 117 -11.77 -8.77 13.15
N PRO A 118 -11.05 -9.88 13.36
CA PRO A 118 -10.56 -10.67 12.22
C PRO A 118 -11.64 -11.22 11.33
N SER A 119 -12.83 -11.47 11.85
CA SER A 119 -13.94 -11.99 11.06
C SER A 119 -14.75 -10.89 10.39
N ALA A 120 -14.30 -9.65 10.45
CA ALA A 120 -15.06 -8.53 9.92
C ALA A 120 -14.89 -8.42 8.42
N PRO A 121 -15.89 -7.89 7.72
CA PRO A 121 -15.79 -7.77 6.24
C PRO A 121 -14.57 -7.02 5.72
N ILE A 122 -14.09 -5.98 6.42
CA ILE A 122 -12.91 -5.22 6.00
C ILE A 122 -11.68 -6.11 5.98
N ASN A 123 -11.71 -7.25 6.67
CA ASN A 123 -10.59 -8.17 6.75
C ASN A 123 -10.81 -9.44 5.94
N ALA A 124 -11.89 -9.51 5.17
CA ALA A 124 -12.10 -10.64 4.28
C ALA A 124 -11.02 -10.67 3.21
N PRO A 125 -10.62 -11.87 2.76
CA PRO A 125 -9.56 -11.95 1.74
C PRO A 125 -9.85 -11.24 0.42
N ASP A 126 -11.11 -11.11 0.02
CA ASP A 126 -11.42 -10.43 -1.23
C ASP A 126 -11.87 -8.98 -1.02
N ALA A 127 -11.62 -8.40 0.17
CA ALA A 127 -12.19 -7.09 0.47
C ALA A 127 -11.42 -5.90 -0.12
N GLY A 128 -10.21 -6.08 -0.61
CA GLY A 128 -9.42 -4.95 -1.07
C GLY A 128 -8.90 -4.17 0.12
N THR A 129 -8.10 -3.14 -0.16
CA THR A 129 -7.59 -2.27 0.89
C THR A 129 -7.68 -0.83 0.45
N ALA A 130 -7.56 0.05 1.44
CA ALA A 130 -7.49 1.47 1.14
C ALA A 130 -6.31 1.78 0.22
N VAL A 131 -5.27 0.96 0.24
CA VAL A 131 -4.16 1.17 -0.69
C VAL A 131 -4.61 0.93 -2.11
N ASP A 132 -5.34 -0.15 -2.37
CA ASP A 132 -5.87 -0.37 -3.71
C ASP A 132 -6.70 0.82 -4.16
N TRP A 133 -7.47 1.38 -3.24
CA TRP A 133 -8.36 2.49 -3.56
C TRP A 133 -7.58 3.71 -3.96
N VAL A 134 -6.64 4.14 -3.11
CA VAL A 134 -5.86 5.33 -3.39
C VAL A 134 -5.05 5.15 -4.67
N LEU A 135 -4.45 3.96 -4.84
CA LEU A 135 -3.71 3.65 -6.06
C LEU A 135 -4.56 3.81 -7.29
N SER A 136 -5.77 3.27 -7.26
CA SER A 136 -6.68 3.30 -8.40
C SER A 136 -7.19 4.69 -8.71
N SER A 137 -6.92 5.68 -7.85
CA SER A 137 -7.51 7.01 -7.98
C SER A 137 -6.52 8.06 -8.43
N LEU A 138 -5.25 7.72 -8.60
CA LEU A 138 -4.23 8.73 -8.88
C LEU A 138 -4.53 9.52 -10.14
N ALA A 139 -5.20 8.91 -11.11
CA ALA A 139 -5.52 9.60 -12.36
C ALA A 139 -6.90 10.24 -12.37
N ASP A 140 -7.60 10.28 -11.26
CA ASP A 140 -8.88 10.97 -11.27
C ASP A 140 -8.65 12.47 -11.39
N ASP A 141 -9.59 13.15 -12.03
CA ASP A 141 -9.50 14.59 -12.13
C ASP A 141 -9.57 15.24 -10.75
N GLU A 142 -8.59 16.11 -10.47
CA GLU A 142 -8.52 16.79 -9.19
C GLU A 142 -9.59 17.88 -9.16
N ASP A 143 -10.29 18.00 -8.03
CA ASP A 143 -11.39 18.95 -7.91
C ASP A 143 -10.87 20.38 -7.78
N ASP A 144 -11.59 21.33 -8.36
CA ASP A 144 -11.13 22.72 -8.35
C ASP A 144 -11.12 23.27 -6.93
N GLU A 145 -10.10 24.07 -6.67
CA GLU A 145 -9.86 24.69 -5.37
C GLU A 145 -10.72 25.93 -5.21
N VAL A 146 -10.97 26.29 -3.96
CA VAL A 146 -11.68 27.53 -3.68
C VAL A 146 -10.90 28.71 -4.25
N PRO A 147 -11.52 29.57 -5.07
CA PRO A 147 -10.83 30.78 -5.54
C PRO A 147 -10.25 31.59 -4.40
N ALA A 148 -8.93 31.76 -4.40
CA ALA A 148 -8.28 32.43 -3.28
C ALA A 148 -8.82 33.84 -3.07
N GLY A 149 -9.34 34.47 -4.13
CA GLY A 149 -9.93 35.80 -4.08
C GLY A 149 -11.44 35.86 -3.89
N MET A 150 -12.10 34.76 -3.55
CA MET A 150 -13.54 34.79 -3.44
C MET A 150 -13.98 35.66 -2.26
N THR A 151 -15.11 36.35 -2.44
CA THR A 151 -15.64 37.20 -1.40
C THR A 151 -16.51 36.40 -0.45
N ALA A 152 -16.70 36.94 0.75
CA ALA A 152 -17.59 36.28 1.70
C ALA A 152 -19.01 36.24 1.17
N GLU A 153 -19.45 37.30 0.48
CA GLU A 153 -20.80 37.32 -0.05
C GLU A 153 -20.99 36.26 -1.11
N GLU A 154 -20.06 36.13 -2.04
CA GLU A 154 -20.18 35.03 -3.00
C GLU A 154 -20.18 33.70 -2.28
N ALA A 155 -19.45 33.61 -1.17
CA ALA A 155 -19.43 32.37 -0.40
C ALA A 155 -20.79 32.09 0.21
N VAL A 156 -21.43 33.11 0.80
CA VAL A 156 -22.78 32.93 1.32
C VAL A 156 -23.73 32.59 0.19
N ARG A 157 -23.53 33.23 -0.96
CA ARG A 157 -24.37 32.96 -2.11
C ARG A 157 -24.33 31.47 -2.46
N LEU A 158 -23.14 30.93 -2.62
CA LEU A 158 -23.02 29.51 -2.95
C LEU A 158 -23.59 28.65 -1.84
N LEU A 159 -23.37 29.05 -0.60
CA LEU A 159 -23.82 28.20 0.49
C LEU A 159 -25.33 28.17 0.56
N SER A 160 -26.02 29.25 0.22
CA SER A 160 -27.49 29.22 0.18
C SER A 160 -27.99 28.33 -0.94
N ARG A 161 -27.44 28.51 -2.14
CA ARG A 161 -27.80 27.65 -3.27
C ARG A 161 -27.61 26.18 -2.93
N GLN A 162 -26.62 25.85 -2.12
CA GLN A 162 -26.42 24.43 -1.83
C GLN A 162 -27.43 23.95 -0.80
N VAL A 163 -27.77 24.79 0.19
CA VAL A 163 -28.78 24.44 1.20
C VAL A 163 -30.13 24.21 0.54
N ASP A 164 -30.50 25.12 -0.37
CA ASP A 164 -31.81 25.07 -0.99
C ASP A 164 -31.93 23.89 -1.96
N ASP A 165 -30.82 23.47 -2.57
CA ASP A 165 -30.79 22.30 -3.45
C ASP A 165 -30.71 20.99 -2.69
N LEU A 166 -30.83 21.00 -1.38
CA LEU A 166 -30.89 19.73 -0.66
C LEU A 166 -32.31 19.17 -0.77
N PRO A 167 -32.47 17.87 -1.06
CA PRO A 167 -33.82 17.37 -1.40
C PRO A 167 -34.86 17.55 -0.30
N ARG A 168 -34.48 17.51 0.99
CA ARG A 168 -35.35 17.82 2.12
C ARG A 168 -36.63 16.96 2.22
N SER A 169 -36.86 16.06 1.25
CA SER A 169 -37.93 15.10 0.97
C SER A 169 -37.63 13.77 1.64
N PRO A 170 -38.66 13.13 2.20
CA PRO A 170 -38.48 11.78 2.76
C PRO A 170 -37.78 10.85 1.78
N GLY A 171 -36.86 10.04 2.31
CA GLY A 171 -35.98 9.21 1.49
C GLY A 171 -34.76 9.92 0.97
N ALA A 172 -34.37 11.03 1.59
CA ALA A 172 -33.17 11.77 1.23
C ALA A 172 -31.96 11.19 1.94
N ASP A 173 -30.80 11.40 1.35
CA ASP A 173 -29.57 10.94 1.97
C ASP A 173 -29.31 11.74 3.23
N PRO A 174 -29.30 11.11 4.41
CA PRO A 174 -29.13 11.89 5.64
C PRO A 174 -27.75 12.50 5.78
N TRP A 175 -26.73 11.93 5.13
CA TRP A 175 -25.39 12.50 5.16
C TRP A 175 -25.20 13.60 4.16
N SER A 176 -26.24 14.06 3.49
CA SER A 176 -26.01 15.06 2.47
C SER A 176 -25.59 16.39 3.10
N LEU A 177 -26.01 16.66 4.33
CA LEU A 177 -25.64 17.92 4.97
C LEU A 177 -24.13 18.00 5.23
N VAL A 178 -23.54 16.93 5.76
CA VAL A 178 -22.10 16.87 5.99
C VAL A 178 -21.35 16.94 4.66
N ALA A 179 -21.84 16.21 3.65
CA ALA A 179 -21.15 16.10 2.39
C ALA A 179 -21.28 17.34 1.51
N GLY A 180 -22.28 18.17 1.74
CA GLY A 180 -22.49 19.34 0.91
C GLY A 180 -22.12 20.64 1.59
N PRO A 181 -23.11 21.30 2.18
CA PRO A 181 -22.87 22.64 2.76
C PRO A 181 -21.76 22.66 3.80
N LEU A 182 -21.73 21.67 4.70
CA LEU A 182 -20.71 21.65 5.74
C LEU A 182 -19.31 21.40 5.17
N ALA A 183 -19.19 20.55 4.14
CA ALA A 183 -17.88 20.39 3.51
C ALA A 183 -17.45 21.68 2.82
N ALA A 184 -18.41 22.39 2.25
CA ALA A 184 -18.08 23.64 1.57
C ALA A 184 -17.64 24.69 2.57
N ILE A 185 -18.35 24.78 3.70
CA ILE A 185 -17.94 25.69 4.76
C ILE A 185 -16.50 25.44 5.18
N GLY A 186 -16.13 24.18 5.32
CA GLY A 186 -14.76 23.87 5.72
C GLY A 186 -13.75 24.35 4.70
N ARG A 187 -14.08 24.18 3.42
CA ARG A 187 -13.18 24.61 2.35
C ARG A 187 -13.04 26.14 2.30
N PHE A 188 -14.15 26.88 2.46
CA PHE A 188 -14.06 28.34 2.56
C PHE A 188 -13.21 28.77 3.74
N GLY A 189 -13.43 28.15 4.90
CA GLY A 189 -12.64 28.50 6.07
C GLY A 189 -11.15 28.24 5.84
N ARG A 190 -10.83 27.08 5.30
CA ARG A 190 -9.44 26.73 5.10
C ARG A 190 -8.80 27.65 4.07
N ALA A 191 -9.56 28.10 3.09
CA ALA A 191 -9.01 29.05 2.15
C ALA A 191 -8.91 30.45 2.76
N GLY A 192 -9.35 30.61 4.00
CA GLY A 192 -9.30 31.94 4.57
C GLY A 192 -10.33 32.88 4.00
N ILE A 193 -11.38 32.35 3.40
CA ILE A 193 -12.41 33.17 2.77
C ILE A 193 -13.36 33.76 3.82
N ALA A 194 -13.73 32.98 4.83
CA ALA A 194 -14.64 33.46 5.87
C ALA A 194 -14.47 32.60 7.11
N ASP A 195 -14.89 33.17 8.25
CA ASP A 195 -14.89 32.42 9.50
C ASP A 195 -15.97 31.35 9.47
N GLU A 196 -15.60 30.10 9.76
CA GLU A 196 -16.56 29.00 9.70
C GLU A 196 -17.66 29.13 10.76
N CYS A 197 -17.36 29.75 11.90
CA CYS A 197 -18.40 29.96 12.89
C CYS A 197 -19.47 30.89 12.34
N TRP A 198 -19.06 31.96 11.69
CA TRP A 198 -20.00 32.86 11.05
C TRP A 198 -20.76 32.12 9.94
N LEU A 199 -20.06 31.35 9.11
CA LEU A 199 -20.73 30.63 8.04
C LEU A 199 -21.71 29.59 8.57
N LEU A 200 -21.46 29.04 9.76
CA LEU A 200 -22.41 28.11 10.37
C LEU A 200 -23.66 28.82 10.84
N GLU A 201 -23.51 30.00 11.45
CA GLU A 201 -24.68 30.79 11.81
C GLU A 201 -25.54 31.07 10.58
N VAL A 202 -24.91 31.53 9.51
CA VAL A 202 -25.63 31.73 8.25
C VAL A 202 -26.34 30.45 7.84
N LEU A 203 -25.66 29.32 7.96
CA LEU A 203 -26.26 28.05 7.58
C LEU A 203 -27.49 27.74 8.42
N ALA A 204 -27.40 28.04 9.73
CA ALA A 204 -28.52 27.82 10.62
C ALA A 204 -29.74 28.61 10.16
N GLY A 205 -29.52 29.86 9.72
CA GLY A 205 -30.62 30.68 9.24
C GLY A 205 -31.28 30.09 8.00
N ARG A 206 -30.48 29.77 6.98
CA ARG A 206 -31.02 29.12 5.79
C ARG A 206 -31.79 27.86 6.10
N LEU A 207 -31.51 27.22 7.24
CA LEU A 207 -32.25 26.01 7.62
C LEU A 207 -33.52 26.29 8.39
N ARG A 208 -33.52 27.33 9.23
CA ARG A 208 -34.73 27.68 9.97
C ARG A 208 -35.85 28.09 9.02
N ALA A 209 -35.50 28.66 7.87
CA ALA A 209 -36.52 29.10 6.91
C ALA A 209 -37.20 27.92 6.23
N VAL A 210 -36.41 26.91 5.81
CA VAL A 210 -36.92 25.77 5.05
C VAL A 210 -38.09 25.11 5.77
N ASP A 211 -37.98 24.99 7.10
CA ASP A 211 -39.05 24.43 7.93
C ASP A 211 -39.51 23.06 7.41
N ASP A 212 -38.55 22.29 6.87
CA ASP A 212 -38.85 20.95 6.39
C ASP A 212 -38.84 19.98 7.56
N ASP A 213 -38.88 18.70 7.23
CA ASP A 213 -38.66 17.70 8.25
C ASP A 213 -37.19 17.71 8.64
N LEU A 214 -36.32 17.65 7.64
CA LEU A 214 -34.88 17.54 7.85
C LEU A 214 -34.33 18.81 8.49
N SER A 215 -34.85 19.97 8.10
CA SER A 215 -34.24 21.20 8.57
C SER A 215 -34.44 21.38 10.08
N ARG A 216 -35.63 21.06 10.59
CA ARG A 216 -35.83 21.10 12.03
C ARG A 216 -34.94 20.07 12.74
N SER A 217 -34.78 18.90 12.10
CA SER A 217 -33.93 17.84 12.63
C SER A 217 -32.46 18.24 12.64
N TRP A 218 -32.00 18.80 11.52
CA TRP A 218 -30.60 19.20 11.38
C TRP A 218 -30.23 20.29 12.36
N LEU A 219 -31.20 21.04 12.87
CA LEU A 219 -30.90 22.12 13.80
C LEU A 219 -30.92 21.68 15.25
N SER A 220 -31.59 20.57 15.57
CA SER A 220 -31.77 20.15 16.95
C SER A 220 -30.92 18.95 17.34
N SER A 221 -30.68 18.02 16.43
CA SER A 221 -29.98 16.79 16.76
C SER A 221 -28.52 17.08 17.05
N PRO A 222 -27.91 16.40 18.03
CA PRO A 222 -26.50 16.63 18.36
C PRO A 222 -25.49 15.92 17.45
N THR A 223 -25.92 15.00 16.58
CA THR A 223 -25.00 14.34 15.67
C THR A 223 -25.62 14.35 14.30
N LEU A 224 -24.80 14.08 13.29
CA LEU A 224 -25.22 14.00 11.90
C LEU A 224 -24.66 12.74 11.28
N ALA A 225 -25.28 12.29 10.20
CA ALA A 225 -24.77 11.14 9.50
C ALA A 225 -23.63 11.55 8.58
N ASP A 226 -22.59 10.73 8.56
CA ASP A 226 -21.48 10.90 7.62
C ASP A 226 -21.22 9.53 7.03
N ARG A 227 -20.19 9.45 6.19
CA ARG A 227 -19.77 8.19 5.57
C ARG A 227 -18.27 8.00 5.76
N ALA A 228 -17.89 6.81 6.20
CA ALA A 228 -16.50 6.51 6.51
C ALA A 228 -15.85 5.79 5.33
N VAL A 229 -14.59 6.11 5.08
CA VAL A 229 -13.83 5.46 4.00
C VAL A 229 -12.58 4.76 4.49
N LEU A 230 -12.17 4.93 5.75
CA LEU A 230 -11.00 4.23 6.27
C LEU A 230 -11.31 3.36 7.49
N VAL A 231 -12.14 3.82 8.41
CA VAL A 231 -12.46 3.08 9.62
C VAL A 231 -13.88 2.54 9.47
N GLY A 232 -14.06 1.26 9.82
CA GLY A 232 -15.37 0.64 9.79
C GLY A 232 -15.26 -0.83 9.43
N GLU A 233 -15.73 -1.72 10.31
CA GLU A 233 -15.64 -3.15 10.06
C GLU A 233 -16.28 -3.58 8.75
N GLY A 234 -17.21 -2.78 8.20
CA GLY A 234 -17.96 -3.14 7.01
C GLY A 234 -17.43 -2.61 5.71
N LEU A 235 -16.20 -2.10 5.68
CA LEU A 235 -15.63 -1.47 4.49
C LEU A 235 -15.18 -2.49 3.46
N ARG A 236 -15.29 -2.09 2.20
CA ARG A 236 -14.80 -2.84 1.05
C ARG A 236 -14.20 -1.86 0.05
N TYR A 237 -13.24 -2.34 -0.75
CA TYR A 237 -12.63 -1.55 -1.82
C TYR A 237 -12.58 -2.43 -3.04
N ARG A 238 -13.47 -2.25 -4.02
CA ARG A 238 -13.45 -3.09 -5.22
C ARG A 238 -13.21 -2.31 -6.52
N PRO A 239 -12.00 -1.71 -6.72
CA PRO A 239 -10.97 -1.32 -5.73
C PRO A 239 -11.45 -0.03 -5.11
N ASP A 240 -12.55 0.45 -5.67
CA ASP A 240 -13.23 1.66 -5.23
C ASP A 240 -13.94 1.43 -3.90
N VAL A 241 -13.96 2.45 -3.06
CA VAL A 241 -14.41 2.30 -1.69
C VAL A 241 -15.93 2.18 -1.65
N ARG A 242 -16.43 1.27 -0.83
CA ARG A 242 -17.85 1.18 -0.51
C ARG A 242 -18.03 1.73 0.89
N PRO A 243 -18.39 2.99 1.04
CA PRO A 243 -18.38 3.61 2.36
C PRO A 243 -19.45 3.01 3.25
N VAL A 244 -19.33 3.29 4.55
CA VAL A 244 -20.23 2.78 5.60
C VAL A 244 -20.68 3.95 6.46
N PRO A 245 -21.89 3.92 6.99
CA PRO A 245 -22.38 5.08 7.73
C PRO A 245 -21.79 5.14 9.14
N PHE A 246 -21.69 6.36 9.66
CA PHE A 246 -21.29 6.59 11.05
C PHE A 246 -21.71 8.01 11.41
N ASP A 247 -21.64 8.32 12.71
CA ASP A 247 -22.12 9.59 13.22
C ASP A 247 -20.96 10.50 13.64
N VAL A 248 -21.18 11.81 13.45
CA VAL A 248 -20.19 12.83 13.81
C VAL A 248 -20.90 13.93 14.59
N PRO A 249 -20.16 14.69 15.37
CA PRO A 249 -20.79 15.82 16.06
C PRO A 249 -21.43 16.75 15.06
N ASN A 250 -22.57 17.33 15.46
CA ASN A 250 -23.28 18.32 14.66
C ASN A 250 -22.75 19.72 15.00
N PRO A 251 -22.10 20.41 14.05
CA PRO A 251 -21.57 21.75 14.36
C PRO A 251 -22.64 22.77 14.69
N LEU A 252 -23.89 22.55 14.29
CA LEU A 252 -24.98 23.48 14.53
C LEU A 252 -25.61 23.31 15.90
N HIS A 253 -25.15 22.36 16.71
CA HIS A 253 -25.78 22.04 17.97
C HIS A 253 -25.07 22.74 19.13
N GLU A 254 -25.85 23.15 20.13
CA GLU A 254 -25.41 23.99 21.24
C GLU A 254 -24.44 23.24 22.14
N GLY A 255 -23.77 24.01 22.99
CA GLY A 255 -22.79 23.44 23.91
C GLY A 255 -23.39 22.74 25.11
N LYS A 256 -23.01 23.16 26.31
CA LYS A 256 -23.46 22.48 27.54
C LYS A 256 -24.96 22.57 27.70
N SER A 257 -25.60 21.43 27.96
CA SER A 257 -26.99 21.34 28.36
C SER A 257 -27.09 21.42 29.89
N ASP A 258 -28.32 21.56 30.38
CA ASP A 258 -28.51 21.63 31.84
C ASP A 258 -28.70 20.24 32.46
N VAL A 259 -28.05 19.23 31.91
CA VAL A 259 -28.25 17.87 32.38
C VAL A 259 -27.50 17.69 33.71
N PRO A 260 -28.14 17.16 34.74
CA PRO A 260 -27.46 17.04 36.04
C PRO A 260 -26.31 16.05 35.96
N PRO A 261 -25.48 15.99 36.98
CA PRO A 261 -24.39 15.00 36.97
C PRO A 261 -24.93 13.58 37.07
N PRO A 262 -24.08 12.58 36.85
CA PRO A 262 -24.53 11.21 37.01
C PRO A 262 -25.07 11.01 38.42
N PRO A 263 -26.16 10.26 38.56
CA PRO A 263 -26.66 9.94 39.90
C PRO A 263 -25.84 8.85 40.56
N VAL A 264 -25.99 8.74 41.88
CA VAL A 264 -25.46 7.62 42.63
C VAL A 264 -26.54 6.55 42.66
N PRO A 265 -26.40 5.44 41.93
CA PRO A 265 -27.39 4.38 41.97
C PRO A 265 -27.19 3.54 43.22
N VAL A 266 -28.18 2.70 43.50
CA VAL A 266 -28.13 1.71 44.58
C VAL A 266 -28.32 0.35 43.94
N LEU A 267 -27.29 -0.49 44.04
CA LEU A 267 -27.30 -1.81 43.42
C LEU A 267 -27.94 -2.82 44.35
N GLY A 268 -28.71 -3.75 43.77
CA GLY A 268 -29.25 -4.85 44.52
C GLY A 268 -28.27 -6.02 44.60
N GLY A 269 -28.80 -7.16 45.03
CA GLY A 269 -28.04 -8.38 45.11
C GLY A 269 -26.86 -8.22 46.03
N PRO A 270 -25.74 -8.87 45.69
CA PRO A 270 -24.56 -8.82 46.56
C PRO A 270 -23.71 -7.58 46.41
N TRP A 271 -24.12 -6.64 45.57
CA TRP A 271 -23.23 -5.56 45.21
C TRP A 271 -23.48 -4.34 46.09
N SER A 272 -22.40 -3.60 46.33
CA SER A 272 -22.46 -2.29 46.96
C SER A 272 -21.73 -1.31 46.07
N LEU A 273 -22.13 -0.05 46.17
CA LEU A 273 -21.51 0.99 45.37
C LEU A 273 -21.47 2.29 46.16
N ARG A 274 -20.36 3.01 46.07
CA ARG A 274 -20.25 4.32 46.68
C ARG A 274 -19.29 5.14 45.86
N PRO A 275 -19.40 6.48 45.92
CA PRO A 275 -18.47 7.35 45.21
C PRO A 275 -17.08 7.33 45.82
N VAL A 276 -16.08 7.56 44.95
CA VAL A 276 -14.70 7.72 45.41
C VAL A 276 -14.63 8.93 46.31
N GLU A 277 -13.84 8.80 47.38
CA GLU A 277 -13.54 9.86 48.36
C GLU A 277 -12.11 10.33 48.14
N VAL A 278 -11.93 11.64 47.94
CA VAL A 278 -10.59 12.21 47.80
C VAL A 278 -10.37 13.21 48.91
N ALA A 279 -9.42 12.91 49.80
CA ALA A 279 -9.08 13.83 50.88
C ALA A 279 -8.34 15.03 50.29
N VAL A 280 -8.77 16.23 50.66
CA VAL A 280 -8.01 17.41 50.24
C VAL A 280 -6.67 17.40 50.93
N HIS A 281 -6.58 16.66 52.04
CA HIS A 281 -5.46 16.69 52.97
C HIS A 281 -4.48 15.58 52.58
N GLY A 282 -3.28 15.96 52.14
CA GLY A 282 -2.16 15.04 52.07
C GLY A 282 -2.10 14.05 50.91
N ASP A 283 -2.18 12.76 51.25
CA ASP A 283 -1.97 11.71 50.25
C ASP A 283 -3.12 11.63 49.24
N GLY A 284 -4.34 11.89 49.68
CA GLY A 284 -5.52 11.72 48.89
C GLY A 284 -6.44 10.66 49.44
N GLY A 285 -5.95 9.81 50.35
CA GLY A 285 -6.77 8.81 50.98
C GLY A 285 -6.60 7.43 50.37
N PRO A 286 -7.27 6.44 50.97
CA PRO A 286 -7.16 5.06 50.47
C PRO A 286 -7.92 4.80 49.18
N ASP A 287 -8.94 5.60 48.85
CA ASP A 287 -9.63 5.38 47.57
C ASP A 287 -8.72 5.72 46.40
N VAL A 288 -8.01 6.86 46.49
CA VAL A 288 -7.04 7.18 45.44
C VAL A 288 -6.00 6.08 45.33
N ALA A 289 -5.61 5.49 46.47
CA ALA A 289 -4.61 4.43 46.45
C ALA A 289 -5.16 3.16 45.84
N LEU A 290 -6.40 2.84 46.18
CA LEU A 290 -7.05 1.65 45.63
C LEU A 290 -7.10 1.72 44.11
N VAL A 291 -7.66 2.82 43.57
CA VAL A 291 -7.75 2.97 42.13
C VAL A 291 -6.37 2.96 41.52
N HIS A 292 -5.44 3.71 42.10
CA HIS A 292 -4.06 3.74 41.61
C HIS A 292 -3.45 2.33 41.58
N ARG A 293 -3.66 1.56 42.64
CA ARG A 293 -3.13 0.20 42.64
C ARG A 293 -3.76 -0.63 41.53
N TRP A 294 -5.10 -0.64 41.47
CA TRP A 294 -5.81 -1.38 40.44
C TRP A 294 -5.35 -0.97 39.05
N MET A 295 -5.32 0.34 38.78
CA MET A 295 -5.00 0.84 37.45
C MET A 295 -3.59 0.52 37.02
N ASN A 296 -2.72 0.10 37.93
CA ASN A 296 -1.36 -0.20 37.53
C ASN A 296 -1.11 -1.70 37.43
N THR A 297 -2.04 -2.53 37.87
CA THR A 297 -1.94 -3.95 37.58
C THR A 297 -2.03 -4.17 36.07
N PRO A 298 -1.37 -5.20 35.54
CA PRO A 298 -1.32 -5.33 34.08
C PRO A 298 -2.66 -5.63 33.44
N HIS A 299 -3.48 -6.49 34.03
CA HIS A 299 -4.73 -6.85 33.36
C HIS A 299 -5.66 -5.65 33.24
N VAL A 300 -5.53 -4.67 34.13
CA VAL A 300 -6.32 -3.45 34.05
C VAL A 300 -5.71 -2.47 33.06
N ALA A 301 -4.39 -2.25 33.14
CA ALA A 301 -3.74 -1.30 32.24
C ALA A 301 -3.88 -1.74 30.79
N HIS A 302 -3.97 -3.06 30.54
CA HIS A 302 -4.13 -3.56 29.17
C HIS A 302 -5.42 -3.09 28.53
N HIS A 303 -6.44 -2.77 29.33
CA HIS A 303 -7.69 -2.25 28.79
C HIS A 303 -7.81 -0.75 29.01
N TRP A 304 -7.51 -0.27 30.22
CA TRP A 304 -7.70 1.15 30.50
C TRP A 304 -6.53 1.99 30.03
N ASN A 305 -5.33 1.44 30.05
CA ASN A 305 -4.11 2.17 29.71
C ASN A 305 -4.04 3.50 30.46
N GLN A 306 -4.16 3.43 31.78
CA GLN A 306 -4.03 4.58 32.67
C GLN A 306 -3.21 4.14 33.88
N ALA A 307 -2.07 3.50 33.59
CA ALA A 307 -1.12 3.10 34.62
C ALA A 307 -0.27 4.31 35.03
N TRP A 308 -0.93 5.25 35.69
CA TRP A 308 -0.37 6.54 36.05
C TRP A 308 0.25 6.49 37.44
N PRO A 309 1.04 7.51 37.80
CA PRO A 309 1.50 7.64 39.20
C PRO A 309 0.35 8.02 40.11
N LEU A 310 0.64 7.96 41.41
CA LEU A 310 -0.40 8.19 42.42
C LEU A 310 -1.05 9.56 42.26
N GLU A 311 -0.24 10.60 42.09
CA GLU A 311 -0.80 11.95 42.11
C GLU A 311 -1.59 12.24 40.84
N ARG A 312 -1.15 11.71 39.69
CA ARG A 312 -1.94 11.94 38.49
C ARG A 312 -3.35 11.39 38.68
N TRP A 313 -3.45 10.19 39.25
CA TRP A 313 -4.75 9.59 39.53
C TRP A 313 -5.49 10.37 40.60
N ARG A 314 -4.79 10.86 41.61
CA ARG A 314 -5.46 11.61 42.65
C ARG A 314 -6.18 12.83 42.11
N GLU A 315 -5.60 13.52 41.14
CA GLU A 315 -6.26 14.72 40.67
C GLU A 315 -7.22 14.47 39.51
N GLU A 316 -7.05 13.37 38.78
CA GLU A 316 -8.12 12.89 37.90
C GLU A 316 -9.40 12.64 38.70
N LEU A 317 -9.30 11.85 39.77
CA LEU A 317 -10.49 11.55 40.57
C LEU A 317 -11.08 12.82 41.16
N ALA A 318 -10.23 13.73 41.63
CA ALA A 318 -10.74 14.99 42.16
C ALA A 318 -11.40 15.81 41.07
N HIS A 319 -10.77 15.88 39.89
CA HIS A 319 -11.35 16.61 38.78
C HIS A 319 -12.71 16.06 38.40
N GLN A 320 -12.83 14.73 38.34
CA GLN A 320 -14.11 14.12 37.99
C GLN A 320 -15.16 14.48 39.03
N LEU A 321 -14.82 14.34 40.31
CA LEU A 321 -15.78 14.60 41.38
C LEU A 321 -16.23 16.05 41.39
N GLY A 322 -15.35 16.97 40.97
CA GLY A 322 -15.76 18.35 40.92
C GLY A 322 -16.60 18.74 39.72
N GLY A 323 -16.77 17.83 38.75
CA GLY A 323 -17.47 18.11 37.51
C GLY A 323 -18.88 17.54 37.46
N GLU A 324 -19.50 17.70 36.29
CA GLU A 324 -20.82 17.14 36.04
C GLU A 324 -20.78 16.02 35.02
N HIS A 325 -19.58 15.56 34.65
CA HIS A 325 -19.38 14.58 33.58
C HIS A 325 -19.37 13.15 34.13
N SER A 326 -18.39 12.86 35.00
CA SER A 326 -18.07 11.49 35.36
C SER A 326 -18.09 11.34 36.87
N LEU A 327 -18.54 10.18 37.33
CA LEU A 327 -18.66 9.87 38.75
C LEU A 327 -17.88 8.61 39.04
N PRO A 328 -16.71 8.68 39.68
CA PRO A 328 -15.93 7.48 39.94
C PRO A 328 -16.39 6.81 41.23
N CYS A 329 -16.49 5.47 41.20
CA CYS A 329 -17.09 4.72 42.29
C CYS A 329 -16.29 3.49 42.64
N VAL A 330 -16.45 3.05 43.88
CA VAL A 330 -15.89 1.80 44.39
C VAL A 330 -17.05 0.83 44.56
N VAL A 331 -16.86 -0.37 44.05
CA VAL A 331 -17.90 -1.39 44.06
C VAL A 331 -17.43 -2.48 45.01
N GLY A 332 -18.32 -2.90 45.89
CA GLY A 332 -18.06 -3.99 46.78
C GLY A 332 -18.83 -5.22 46.35
N HIS A 333 -18.31 -6.38 46.72
CA HIS A 333 -19.00 -7.64 46.57
C HIS A 333 -18.89 -8.31 47.94
N GLU A 334 -20.03 -8.44 48.63
CA GLU A 334 -20.09 -9.11 49.92
C GLU A 334 -18.99 -8.60 50.86
N GLY A 335 -18.85 -7.29 50.94
CA GLY A 335 -17.93 -6.72 51.89
C GLY A 335 -16.52 -6.49 51.40
N ARG A 336 -16.14 -7.02 50.23
CA ARG A 336 -14.81 -6.80 49.68
C ARG A 336 -14.88 -5.76 48.57
N GLU A 337 -14.00 -4.75 48.62
CA GLU A 337 -13.89 -3.80 47.53
C GLU A 337 -13.19 -4.47 46.35
N VAL A 338 -13.91 -4.59 45.23
CA VAL A 338 -13.48 -5.44 44.13
C VAL A 338 -13.37 -4.69 42.82
N ALA A 339 -14.09 -3.59 42.61
CA ALA A 339 -14.07 -3.01 41.28
C ALA A 339 -14.15 -1.49 41.36
N TYR A 340 -13.76 -0.86 40.27
CA TYR A 340 -13.87 0.57 40.11
C TYR A 340 -14.71 0.82 38.87
N LEU A 341 -15.58 1.82 38.91
CA LEU A 341 -16.27 2.16 37.68
C LEU A 341 -16.47 3.65 37.61
N GLU A 342 -16.61 4.11 36.39
CA GLU A 342 -16.97 5.48 36.12
C GLU A 342 -18.34 5.45 35.49
N LEU A 343 -19.29 6.15 36.09
CA LEU A 343 -20.59 6.44 35.51
C LEU A 343 -20.55 7.84 34.92
N TYR A 344 -20.92 8.00 33.66
CA TYR A 344 -20.75 9.31 33.07
C TYR A 344 -21.96 9.68 32.22
N ARG A 345 -22.20 10.99 32.14
CA ARG A 345 -23.21 11.53 31.25
C ARG A 345 -22.67 11.59 29.83
N VAL A 346 -23.34 10.91 28.90
CA VAL A 346 -22.86 10.87 27.52
C VAL A 346 -22.78 12.28 26.96
N THR A 347 -23.67 13.17 27.38
CA THR A 347 -23.72 14.49 26.77
C THR A 347 -22.43 15.28 26.99
N ARG A 348 -21.62 14.94 27.98
CA ARG A 348 -20.35 15.61 28.25
C ARG A 348 -19.15 14.73 27.93
N ASP A 349 -19.35 13.68 27.15
CA ASP A 349 -18.36 12.62 27.00
C ASP A 349 -17.93 12.52 25.53
N LYS A 350 -16.81 11.84 25.29
CA LYS A 350 -16.39 11.64 23.92
C LYS A 350 -17.43 10.83 23.13
N LEU A 351 -18.26 10.04 23.81
CA LEU A 351 -19.29 9.26 23.11
C LEU A 351 -20.31 10.15 22.42
N ALA A 352 -20.43 11.42 22.84
CA ALA A 352 -21.44 12.31 22.29
C ALA A 352 -21.23 12.55 20.79
N GLY A 353 -20.02 12.37 20.28
CA GLY A 353 -19.81 12.47 18.86
C GLY A 353 -20.05 11.19 18.10
N CYS A 354 -20.41 10.10 18.76
CA CYS A 354 -20.36 8.79 18.13
C CYS A 354 -21.71 8.17 17.83
N TYR A 355 -22.79 8.64 18.44
CA TYR A 355 -24.10 8.05 18.19
C TYR A 355 -25.17 9.06 18.57
N PRO A 356 -26.41 8.92 18.02
CA PRO A 356 -27.50 9.89 18.30
C PRO A 356 -28.12 9.70 19.68
N TYR A 357 -27.40 10.20 20.67
CA TYR A 357 -27.68 10.00 22.07
C TYR A 357 -28.85 10.86 22.52
N GLY A 358 -29.48 10.42 23.60
CA GLY A 358 -30.48 11.20 24.27
C GLY A 358 -29.81 11.94 25.39
N PRO A 359 -30.40 13.07 25.79
CA PRO A 359 -29.70 14.00 26.69
C PRO A 359 -29.29 13.39 28.02
N HIS A 360 -30.05 12.42 28.54
CA HIS A 360 -29.76 11.85 29.85
C HIS A 360 -28.97 10.54 29.76
N ASP A 361 -28.52 10.16 28.57
CA ASP A 361 -27.88 8.87 28.40
C ASP A 361 -26.70 8.74 29.35
N LEU A 362 -26.52 7.55 29.90
CA LEU A 362 -25.48 7.27 30.88
C LEU A 362 -24.61 6.13 30.37
N GLY A 363 -23.32 6.23 30.64
CA GLY A 363 -22.39 5.19 30.28
C GLY A 363 -21.63 4.64 31.46
N VAL A 364 -21.01 3.47 31.32
CA VAL A 364 -20.21 2.84 32.37
C VAL A 364 -18.88 2.39 31.79
N HIS A 365 -17.78 2.82 32.40
CA HIS A 365 -16.47 2.19 32.27
C HIS A 365 -16.27 1.37 33.53
N ILE A 366 -15.67 0.20 33.41
CA ILE A 366 -15.52 -0.69 34.55
C ILE A 366 -14.16 -1.34 34.51
N ALA A 367 -13.55 -1.52 35.69
CA ALA A 367 -12.30 -2.25 35.85
C ALA A 367 -12.45 -3.19 37.03
N ILE A 368 -12.30 -4.49 36.79
CA ILE A 368 -12.40 -5.47 37.86
C ILE A 368 -11.01 -5.64 38.46
N GLY A 369 -10.82 -5.15 39.68
CA GLY A 369 -9.54 -5.14 40.34
C GLY A 369 -9.19 -6.45 41.02
N GLU A 370 -10.11 -7.00 41.80
CA GLU A 370 -9.85 -8.25 42.51
C GLU A 370 -10.35 -9.47 41.75
N ARG A 371 -10.04 -9.54 40.44
CA ARG A 371 -10.21 -10.80 39.75
C ARG A 371 -9.14 -11.78 40.18
N GLU A 372 -7.94 -11.25 40.50
CA GLU A 372 -6.79 -12.06 40.89
C GLU A 372 -7.10 -12.99 42.05
N VAL A 373 -8.19 -12.76 42.78
CA VAL A 373 -8.57 -13.64 43.87
C VAL A 373 -10.07 -13.92 43.86
N LEU A 374 -10.78 -13.48 42.81
CA LEU A 374 -12.24 -13.55 42.87
C LEU A 374 -12.86 -13.37 41.50
N GLY A 375 -14.13 -13.79 41.38
CA GLY A 375 -14.93 -13.61 40.17
C GLY A 375 -14.86 -14.55 38.97
N ARG A 376 -15.98 -15.23 38.70
CA ARG A 376 -16.22 -16.01 37.48
C ARG A 376 -17.75 -16.03 37.28
N GLY A 377 -18.22 -15.59 36.11
CA GLY A 377 -19.65 -15.32 35.92
C GLY A 377 -20.13 -14.03 36.59
N PHE A 378 -19.30 -13.43 37.46
CA PHE A 378 -19.65 -12.21 38.18
C PHE A 378 -19.79 -11.01 37.27
N GLY A 379 -19.18 -11.04 36.09
CA GLY A 379 -19.16 -9.87 35.24
C GLY A 379 -20.53 -9.39 34.82
N SER A 380 -21.27 -10.28 34.18
CA SER A 380 -22.59 -9.91 33.70
C SER A 380 -23.51 -9.47 34.84
N SER A 381 -23.37 -10.08 36.01
CA SER A 381 -24.25 -9.76 37.13
C SER A 381 -24.06 -8.32 37.62
N LEU A 382 -22.81 -7.88 37.78
CA LEU A 382 -22.55 -6.51 38.16
C LEU A 382 -23.02 -5.54 37.08
N LEU A 383 -22.75 -5.86 35.82
CA LEU A 383 -23.18 -4.97 34.74
C LEU A 383 -24.70 -4.85 34.71
N ARG A 384 -25.41 -5.96 34.90
CA ARG A 384 -26.86 -5.88 34.94
C ARG A 384 -27.33 -5.05 36.13
N ALA A 385 -26.76 -5.31 37.30
CA ALA A 385 -27.14 -4.57 38.49
C ALA A 385 -26.96 -3.07 38.29
N VAL A 386 -25.85 -2.67 37.66
CA VAL A 386 -25.58 -1.24 37.48
C VAL A 386 -26.54 -0.62 36.47
N ALA A 387 -26.78 -1.31 35.35
CA ALA A 387 -27.66 -0.76 34.33
C ALA A 387 -29.07 -0.52 34.87
N GLY A 388 -29.66 -1.55 35.48
CA GLY A 388 -31.00 -1.38 36.01
C GLY A 388 -31.06 -0.31 37.07
N ALA A 389 -30.07 -0.30 37.97
CA ALA A 389 -30.05 0.66 39.07
C ALA A 389 -29.91 2.09 38.56
N LEU A 390 -29.17 2.30 37.46
CA LEU A 390 -29.08 3.63 36.86
C LEU A 390 -30.41 4.05 36.25
N LEU A 391 -31.11 3.16 35.56
CA LEU A 391 -32.43 3.51 35.03
C LEU A 391 -33.39 3.84 36.17
N ASP A 392 -33.25 3.15 37.30
CA ASP A 392 -34.07 3.47 38.47
C ASP A 392 -33.72 4.85 39.02
N ALA A 393 -32.43 5.19 39.07
CA ALA A 393 -32.00 6.43 39.69
C ALA A 393 -32.34 7.66 38.86
N ASP A 394 -32.35 7.56 37.53
CA ASP A 394 -32.71 8.69 36.66
C ASP A 394 -33.86 8.29 35.75
N PRO A 395 -35.10 8.59 36.12
CA PRO A 395 -36.24 8.21 35.28
C PRO A 395 -36.25 8.88 33.94
N ARG A 396 -35.46 9.92 33.73
CA ARG A 396 -35.40 10.57 32.43
C ARG A 396 -34.31 9.99 31.53
N CYS A 397 -33.53 9.04 32.02
CA CYS A 397 -32.48 8.39 31.24
C CYS A 397 -33.08 7.29 30.36
N ALA A 398 -32.82 7.37 29.07
CA ALA A 398 -33.42 6.44 28.12
C ALA A 398 -32.61 5.15 27.92
N ARG A 399 -31.33 5.13 28.28
CA ARG A 399 -30.50 3.97 28.01
C ARG A 399 -29.19 4.10 28.76
N VAL A 400 -28.61 2.96 29.12
CA VAL A 400 -27.25 2.88 29.65
C VAL A 400 -26.38 2.26 28.56
N VAL A 401 -25.19 2.83 28.32
CA VAL A 401 -24.35 2.43 27.19
C VAL A 401 -22.91 2.17 27.64
N ALA A 402 -22.15 1.52 26.77
CA ALA A 402 -20.74 1.25 27.02
C ALA A 402 -20.03 1.00 25.69
N GLU A 403 -18.70 1.14 25.72
CA GLU A 403 -17.89 1.02 24.50
C GLU A 403 -16.66 0.16 24.75
N PRO A 404 -16.84 -1.11 25.13
CA PRO A 404 -15.69 -2.02 25.17
C PRO A 404 -15.07 -2.19 23.79
N ASN A 405 -13.74 -2.31 23.78
CA ASN A 405 -13.00 -2.64 22.58
C ASN A 405 -13.59 -3.90 21.95
N VAL A 406 -13.77 -3.89 20.63
CA VAL A 406 -14.30 -5.10 20.00
C VAL A 406 -13.39 -6.28 20.31
N HIS A 407 -12.11 -6.02 20.55
CA HIS A 407 -11.18 -7.10 20.87
C HIS A 407 -11.30 -7.59 22.31
N ASN A 408 -11.94 -6.83 23.20
CA ASN A 408 -12.16 -7.28 24.58
C ASN A 408 -13.41 -8.17 24.60
N GLU A 409 -13.22 -9.39 24.13
CA GLU A 409 -14.34 -10.25 23.82
C GLU A 409 -15.08 -10.72 25.08
N ALA A 410 -14.37 -10.95 26.17
CA ALA A 410 -15.03 -11.33 27.42
C ALA A 410 -15.91 -10.19 27.93
N SER A 411 -15.43 -8.95 27.83
CA SER A 411 -16.22 -7.81 28.26
C SER A 411 -17.44 -7.64 27.38
N VAL A 412 -17.26 -7.73 26.06
CA VAL A 412 -18.42 -7.64 25.18
C VAL A 412 -19.46 -8.70 25.54
N ARG A 413 -18.99 -9.92 25.80
CA ARG A 413 -19.95 -10.97 26.14
C ARG A 413 -20.60 -10.71 27.50
N ALA A 414 -19.84 -10.20 28.46
CA ALA A 414 -20.45 -9.88 29.75
C ALA A 414 -21.56 -8.87 29.57
N PHE A 415 -21.34 -7.86 28.73
CA PHE A 415 -22.37 -6.84 28.52
C PHE A 415 -23.60 -7.43 27.86
N ALA A 416 -23.42 -8.32 26.88
CA ALA A 416 -24.57 -8.87 26.15
C ALA A 416 -25.38 -9.81 27.01
N LYS A 417 -24.69 -10.61 27.81
CA LYS A 417 -25.37 -11.50 28.73
C LYS A 417 -26.14 -10.71 29.80
N ALA A 418 -25.66 -9.51 30.12
CA ALA A 418 -26.39 -8.65 31.05
C ALA A 418 -27.58 -7.95 30.42
N GLY A 419 -27.75 -8.03 29.11
CA GLY A 419 -28.86 -7.39 28.46
C GLY A 419 -28.53 -6.20 27.58
N PHE A 420 -27.27 -5.75 27.54
CA PHE A 420 -26.89 -4.76 26.54
C PHE A 420 -26.94 -5.40 25.15
N VAL A 421 -27.33 -4.62 24.14
CA VAL A 421 -27.33 -5.08 22.76
C VAL A 421 -26.26 -4.33 21.97
N ARG A 422 -25.49 -5.06 21.14
CA ARG A 422 -24.52 -4.43 20.24
C ARG A 422 -25.25 -3.61 19.16
N GLU A 423 -25.23 -2.29 19.29
CA GLU A 423 -25.89 -1.43 18.32
C GLU A 423 -25.06 -1.19 17.06
N ARG A 424 -23.73 -1.13 17.18
CA ARG A 424 -22.83 -0.85 16.05
C ARG A 424 -21.39 -0.93 16.55
N GLU A 425 -20.46 -0.93 15.61
CA GLU A 425 -19.06 -0.68 15.91
C GLU A 425 -18.82 0.82 15.80
N ILE A 426 -17.94 1.36 16.65
CA ILE A 426 -17.61 2.77 16.52
C ILE A 426 -16.09 2.97 16.57
N GLY A 427 -15.62 4.00 15.88
CA GLY A 427 -14.21 4.33 15.85
C GLY A 427 -13.85 5.37 16.90
N LEU A 428 -12.91 5.04 17.76
CA LEU A 428 -12.48 5.91 18.83
C LEU A 428 -10.99 6.16 18.69
N PRO A 429 -10.46 7.21 19.34
CA PRO A 429 -9.05 7.57 19.11
C PRO A 429 -8.08 6.42 19.24
N ALA A 430 -8.30 5.49 20.17
CA ALA A 430 -7.32 4.42 20.39
C ALA A 430 -7.88 3.04 20.16
N LYS A 431 -9.12 2.90 19.67
CA LYS A 431 -9.71 1.58 19.48
C LYS A 431 -10.98 1.71 18.68
N ASN A 432 -11.42 0.60 18.12
CA ASN A 432 -12.79 0.44 17.70
C ASN A 432 -13.54 -0.29 18.81
N SER A 433 -14.76 0.17 19.09
CA SER A 433 -15.54 -0.40 20.18
C SER A 433 -16.85 -0.98 19.69
N ALA A 434 -17.35 -1.98 20.42
CA ALA A 434 -18.73 -2.41 20.30
C ALA A 434 -19.59 -1.50 21.16
N LEU A 435 -20.52 -0.79 20.53
CA LEU A 435 -21.41 0.12 21.26
C LEU A 435 -22.52 -0.71 21.86
N MET A 436 -22.41 -1.02 23.15
CA MET A 436 -23.40 -1.84 23.87
C MET A 436 -24.46 -0.95 24.51
N VAL A 437 -25.74 -1.24 24.23
CA VAL A 437 -26.86 -0.41 24.69
C VAL A 437 -27.85 -1.25 25.49
N PHE A 438 -28.13 -0.77 26.71
CA PHE A 438 -29.15 -1.33 27.62
C PHE A 438 -30.31 -0.33 27.68
N SER A 439 -31.38 -0.64 26.98
CA SER A 439 -32.45 0.32 26.74
C SER A 439 -33.55 0.19 27.77
N ARG A 440 -34.16 1.34 28.11
CA ARG A 440 -35.36 1.33 28.94
C ARG A 440 -36.56 0.87 28.11
N VAL A 441 -37.42 0.05 28.71
CA VAL A 441 -38.67 -0.34 28.08
C VAL A 441 -39.84 -0.13 29.04
N HIS B 5 -5.90 36.36 23.67
CA HIS B 5 -7.14 36.07 22.96
C HIS B 5 -7.18 36.78 21.59
N HIS B 6 -6.48 36.22 20.60
CA HIS B 6 -6.44 36.73 19.23
C HIS B 6 -6.65 35.67 18.16
N HIS B 7 -6.26 34.41 18.36
CA HIS B 7 -6.43 33.41 17.32
C HIS B 7 -6.98 32.14 17.94
N SER B 8 -8.21 31.77 17.59
CA SER B 8 -8.82 30.58 18.15
C SER B 8 -8.68 29.35 17.26
N SER B 9 -8.54 29.57 15.95
CA SER B 9 -8.28 28.50 15.00
C SER B 9 -6.79 28.36 14.68
N GLY B 10 -5.93 29.05 15.42
CA GLY B 10 -4.51 28.92 15.18
C GLY B 10 -3.76 29.17 16.47
N VAL B 11 -2.43 29.17 16.34
CA VAL B 11 -1.51 29.49 17.43
C VAL B 11 -0.99 30.91 17.21
N ASP B 12 -1.01 31.73 18.26
CA ASP B 12 -0.42 33.06 18.22
C ASP B 12 1.09 32.94 17.96
N LEU B 13 1.56 33.65 16.94
CA LEU B 13 2.92 33.47 16.43
C LEU B 13 3.85 34.54 16.96
N GLY B 14 4.99 34.09 17.51
CA GLY B 14 6.14 34.94 17.72
C GLY B 14 7.32 34.43 16.90
N THR B 15 8.38 35.24 16.85
CA THR B 15 9.59 34.81 16.13
C THR B 15 10.11 33.46 16.63
N GLU B 16 9.92 33.15 17.92
CA GLU B 16 10.40 31.87 18.43
C GLU B 16 9.65 30.69 17.81
N ASN B 17 8.34 30.82 17.61
CA ASN B 17 7.57 29.77 16.94
C ASN B 17 8.06 29.58 15.52
N LEU B 18 8.21 30.69 14.79
CA LEU B 18 8.71 30.59 13.43
C LEU B 18 10.06 29.92 13.39
N TYR B 19 10.92 30.25 14.36
CA TYR B 19 12.22 29.60 14.42
C TYR B 19 12.07 28.08 14.58
N PHE B 20 11.25 27.65 15.55
CA PHE B 20 11.02 26.22 15.76
C PHE B 20 10.54 25.52 14.50
N GLN B 21 9.53 26.10 13.85
CA GLN B 21 8.95 25.43 12.70
C GLN B 21 9.87 25.48 11.48
N SER B 22 10.75 26.47 11.39
CA SER B 22 11.64 26.53 10.23
C SER B 22 12.80 25.57 10.32
N ASN B 23 13.34 25.32 11.52
CA ASN B 23 14.34 24.28 11.66
C ASN B 23 13.81 22.93 11.17
N ALA B 24 12.60 22.56 11.63
CA ALA B 24 11.98 21.32 11.18
C ALA B 24 11.82 21.31 9.68
N MET B 25 11.48 22.45 9.11
CA MET B 25 11.34 22.54 7.67
C MET B 25 12.66 22.43 6.93
N ALA B 26 13.81 22.62 7.61
CA ALA B 26 15.11 22.56 6.94
C ALA B 26 15.46 21.12 6.52
N GLY B 27 15.12 20.14 7.36
CA GLY B 27 15.40 18.74 7.06
C GLY B 27 14.48 18.08 6.07
N ASP B 28 13.39 18.75 5.68
CA ASP B 28 12.44 18.12 4.77
C ASP B 28 13.04 17.87 3.41
N VAL B 29 13.95 18.75 2.96
CA VAL B 29 14.60 18.55 1.67
C VAL B 29 15.40 17.26 1.66
N GLU B 30 16.12 16.98 2.75
CA GLU B 30 16.79 15.69 2.84
C GLU B 30 15.76 14.54 2.91
N LEU B 31 14.62 14.74 3.58
CA LEU B 31 13.60 13.70 3.59
C LEU B 31 13.10 13.39 2.18
N ALA B 32 12.97 14.42 1.35
CA ALA B 32 12.50 14.19 -0.01
C ALA B 32 13.56 13.46 -0.83
N ASP B 33 14.84 13.76 -0.58
CA ASP B 33 15.93 13.08 -1.28
C ASP B 33 16.03 11.61 -0.85
N ARG B 34 15.75 11.34 0.43
CA ARG B 34 15.76 9.96 0.92
C ARG B 34 14.62 9.15 0.30
N ALA B 35 13.45 9.76 0.11
CA ALA B 35 12.40 9.05 -0.62
C ALA B 35 12.83 8.83 -2.07
N ARG B 36 13.53 9.80 -2.65
CA ARG B 36 14.02 9.64 -4.01
C ARG B 36 14.94 8.42 -4.12
N ARG B 37 15.93 8.33 -3.23
CA ARG B 37 16.86 7.21 -3.26
C ARG B 37 16.15 5.88 -3.06
N ARG B 38 15.13 5.88 -2.21
CA ARG B 38 14.43 4.64 -1.93
C ARG B 38 13.66 4.19 -3.16
N ALA B 39 12.94 5.11 -3.80
CA ALA B 39 12.19 4.75 -4.98
C ALA B 39 13.11 4.25 -6.08
N CYS B 40 14.24 4.93 -6.28
CA CYS B 40 15.21 4.51 -7.29
C CYS B 40 15.71 3.08 -7.01
N ARG B 41 15.98 2.76 -5.74
CA ARG B 41 16.42 1.41 -5.44
C ARG B 41 15.34 0.40 -5.80
N LEU B 42 14.08 0.72 -5.48
CA LEU B 42 12.98 -0.18 -5.81
C LEU B 42 12.88 -0.36 -7.31
N LEU B 43 13.00 0.73 -8.07
CA LEU B 43 12.84 0.63 -9.51
C LEU B 43 13.95 -0.20 -10.13
N ARG B 44 15.19 -0.03 -9.64
CA ARG B 44 16.31 -0.85 -10.11
C ARG B 44 16.02 -2.34 -9.91
N ARG B 45 15.54 -2.71 -8.73
CA ARG B 45 15.21 -4.11 -8.48
C ARG B 45 14.09 -4.56 -9.41
N TRP B 46 13.04 -3.73 -9.57
CA TRP B 46 11.96 -4.15 -10.45
C TRP B 46 12.47 -4.42 -11.86
N LEU B 47 13.31 -3.53 -12.39
CA LEU B 47 13.80 -3.68 -13.74
C LEU B 47 14.68 -4.91 -13.88
N ALA B 48 15.52 -5.17 -12.88
CA ALA B 48 16.41 -6.32 -12.91
C ALA B 48 15.62 -7.63 -12.80
N GLU B 49 14.69 -7.71 -11.87
CA GLU B 49 14.01 -8.95 -11.57
C GLU B 49 12.97 -9.31 -12.62
N THR B 50 12.54 -8.35 -13.43
CA THR B 50 11.70 -8.61 -14.59
C THR B 50 12.51 -8.59 -15.91
N HIS B 51 13.84 -8.45 -15.83
CA HIS B 51 14.70 -8.44 -17.01
C HIS B 51 14.21 -7.44 -18.07
N THR B 52 13.75 -6.28 -17.62
CA THR B 52 13.29 -5.25 -18.52
C THR B 52 14.49 -4.52 -19.14
N PRO B 53 14.61 -4.47 -20.47
CA PRO B 53 15.75 -3.78 -21.08
C PRO B 53 15.73 -2.29 -20.77
N VAL B 54 16.91 -1.71 -20.60
CA VAL B 54 17.04 -0.31 -20.18
C VAL B 54 18.10 0.33 -21.08
N GLU B 55 17.74 1.44 -21.71
CA GLU B 55 18.67 2.27 -22.47
C GLU B 55 18.63 3.71 -22.01
N PRO B 56 19.70 4.47 -22.29
CA PRO B 56 19.68 5.90 -21.95
C PRO B 56 18.51 6.58 -22.62
N GLY B 57 17.90 7.53 -21.91
CA GLY B 57 16.75 8.22 -22.41
C GLY B 57 15.47 7.78 -21.71
N PRO B 58 14.34 8.10 -22.31
CA PRO B 58 13.06 7.86 -21.64
C PRO B 58 12.74 6.37 -21.52
N LEU B 59 12.31 5.99 -20.32
CA LEU B 59 11.86 4.65 -19.99
C LEU B 59 10.41 4.72 -19.54
N SER B 60 9.59 3.85 -20.10
CA SER B 60 8.16 3.83 -19.80
C SER B 60 7.72 2.39 -19.55
N LEU B 61 7.01 2.14 -18.46
CA LEU B 61 6.60 0.77 -18.18
C LEU B 61 5.34 0.75 -17.34
N ARG B 62 4.58 -0.33 -17.51
CA ARG B 62 3.39 -0.64 -16.74
C ARG B 62 3.80 -1.44 -15.52
N ILE B 63 3.44 -0.95 -14.33
CA ILE B 63 3.65 -1.70 -13.09
C ILE B 63 2.31 -1.77 -12.37
N GLY B 64 1.69 -2.96 -12.39
CA GLY B 64 0.38 -3.14 -11.79
C GLY B 64 -0.63 -2.14 -12.30
N PRO B 65 -1.32 -1.43 -11.41
CA PRO B 65 -2.36 -0.50 -11.85
C PRO B 65 -1.86 0.84 -12.40
N VAL B 66 -0.55 1.11 -12.47
CA VAL B 66 -0.07 2.43 -12.84
C VAL B 66 0.98 2.35 -13.94
N ARG B 67 0.98 3.37 -14.82
CA ARG B 67 2.04 3.59 -15.78
C ARG B 67 3.11 4.46 -15.14
N VAL B 68 4.35 4.04 -15.25
CA VAL B 68 5.49 4.73 -14.66
C VAL B 68 6.42 5.16 -15.77
N SER B 69 6.96 6.37 -15.66
CA SER B 69 8.01 6.73 -16.60
C SER B 69 9.09 7.51 -15.88
N ALA B 70 10.28 7.46 -16.45
CA ALA B 70 11.42 8.19 -15.91
C ALA B 70 12.49 8.30 -16.99
N GLU B 71 13.27 9.37 -16.93
CA GLU B 71 14.45 9.52 -17.76
C GLU B 71 15.57 8.65 -17.23
N VAL B 72 16.19 7.85 -18.10
CA VAL B 72 17.40 7.12 -17.73
C VAL B 72 18.57 8.03 -18.09
N ALA B 73 19.06 8.77 -17.10
CA ALA B 73 20.20 9.66 -17.29
C ALA B 73 21.50 8.89 -17.33
N TYR B 74 21.65 7.89 -16.47
CA TYR B 74 22.85 7.08 -16.42
C TYR B 74 22.43 5.63 -16.53
N ARG B 75 22.76 5.01 -17.65
CA ARG B 75 22.50 3.59 -17.89
C ARG B 75 23.73 2.80 -17.48
N SER B 76 23.61 2.03 -16.41
CA SER B 76 24.72 1.33 -15.76
C SER B 76 24.94 -0.05 -16.37
N PRO B 77 26.17 -0.43 -16.68
CA PRO B 77 26.41 -1.81 -17.15
C PRO B 77 26.07 -2.85 -16.11
N THR B 78 25.94 -2.49 -14.83
CA THR B 78 25.57 -3.44 -13.79
C THR B 78 24.16 -3.22 -13.24
N GLY B 79 23.38 -2.31 -13.86
CA GLY B 79 21.99 -2.09 -13.50
C GLY B 79 21.76 -1.06 -12.43
N ALA B 80 22.82 -0.43 -11.94
CA ALA B 80 22.71 0.63 -10.94
C ALA B 80 22.42 1.97 -11.63
N HIS B 81 21.28 2.02 -12.34
CA HIS B 81 20.95 3.17 -13.20
C HIS B 81 20.66 4.43 -12.39
N GLY B 82 20.88 5.57 -13.03
CA GLY B 82 20.52 6.88 -12.48
C GLY B 82 19.34 7.49 -13.25
N PHE B 83 18.32 7.89 -12.50
CA PHE B 83 17.05 8.32 -13.06
C PHE B 83 16.79 9.78 -12.77
N GLY B 84 16.05 10.43 -13.68
CA GLY B 84 15.34 11.64 -13.37
C GLY B 84 14.08 11.33 -12.55
N PRO B 85 13.23 12.31 -12.31
CA PRO B 85 12.03 12.06 -11.50
C PRO B 85 11.17 10.95 -12.07
N ILE B 86 10.70 10.08 -11.18
CA ILE B 86 9.85 8.97 -11.55
C ILE B 86 8.41 9.41 -11.39
N ARG B 87 7.64 9.34 -12.46
CA ARG B 87 6.29 9.89 -12.47
C ARG B 87 5.28 8.82 -12.85
N VAL B 88 4.06 8.96 -12.31
CA VAL B 88 2.91 8.15 -12.71
C VAL B 88 2.20 8.89 -13.83
N LEU B 89 1.86 8.17 -14.90
CA LEU B 89 1.17 8.73 -16.03
C LEU B 89 -0.24 8.16 -16.14
N ASP B 90 -1.20 9.02 -16.50
CA ASP B 90 -2.51 8.50 -16.89
C ASP B 90 -2.44 8.00 -18.33
N ALA B 91 -3.59 7.58 -18.85
CA ALA B 91 -3.62 6.91 -20.15
C ALA B 91 -3.16 7.82 -21.29
N GLU B 92 -3.39 9.12 -21.21
CA GLU B 92 -2.99 9.98 -22.31
C GLU B 92 -1.53 10.42 -22.19
N GLY B 93 -0.82 9.99 -21.14
CA GLY B 93 0.54 10.41 -20.92
C GLY B 93 0.73 11.66 -20.07
N VAL B 94 -0.30 12.13 -19.38
CA VAL B 94 -0.17 13.28 -18.49
C VAL B 94 0.35 12.80 -17.14
N PRO B 95 1.40 13.40 -16.60
CA PRO B 95 1.85 13.05 -15.25
C PRO B 95 0.80 13.40 -14.22
N VAL B 96 0.50 12.44 -13.35
CA VAL B 96 -0.47 12.64 -12.27
C VAL B 96 0.14 12.48 -10.88
N ALA B 97 1.34 11.91 -10.73
CA ALA B 97 1.95 11.82 -9.41
C ALA B 97 3.45 11.54 -9.51
N LEU B 98 4.17 11.92 -8.46
CA LEU B 98 5.53 11.45 -8.29
C LEU B 98 5.51 10.06 -7.65
N ALA B 99 6.41 9.19 -8.09
CA ALA B 99 6.35 7.79 -7.69
C ALA B 99 7.19 7.60 -6.43
N ASP B 100 6.61 7.91 -5.30
CA ASP B 100 7.34 7.82 -4.05
C ASP B 100 7.44 6.36 -3.60
N PRO B 101 8.29 6.05 -2.63
CA PRO B 101 8.63 4.62 -2.38
C PRO B 101 7.44 3.71 -2.06
N VAL B 102 6.54 4.11 -1.16
CA VAL B 102 5.44 3.22 -0.82
C VAL B 102 4.49 3.07 -2.01
N LEU B 103 4.31 4.14 -2.82
CA LEU B 103 3.52 3.96 -4.04
C LEU B 103 4.13 2.91 -4.94
N LEU B 104 5.44 3.02 -5.20
CA LEU B 104 6.11 2.03 -6.02
C LEU B 104 6.00 0.65 -5.40
N ALA B 105 6.27 0.54 -4.10
CA ALA B 105 6.17 -0.76 -3.47
C ALA B 105 4.78 -1.36 -3.63
N ALA B 106 3.74 -0.53 -3.64
CA ALA B 106 2.38 -1.07 -3.75
C ALA B 106 2.06 -1.53 -5.16
N ALA B 107 2.52 -0.80 -6.16
CA ALA B 107 2.26 -1.22 -7.52
C ALA B 107 3.04 -2.49 -7.82
N CYS B 108 4.32 -2.53 -7.43
CA CYS B 108 5.15 -3.70 -7.69
C CYS B 108 4.56 -4.91 -6.99
N SER B 109 4.10 -4.72 -5.74
CA SER B 109 3.49 -5.82 -5.03
C SER B 109 2.26 -6.31 -5.74
N ALA B 110 1.37 -5.39 -6.13
CA ALA B 110 0.18 -5.82 -6.85
C ALA B 110 0.57 -6.57 -8.12
N ASP B 111 1.53 -6.04 -8.86
CA ASP B 111 1.94 -6.65 -10.11
C ASP B 111 2.55 -8.03 -9.87
N SER B 112 3.43 -8.12 -8.87
CA SER B 112 4.16 -9.35 -8.64
C SER B 112 3.22 -10.45 -8.17
N ARG B 113 2.34 -10.12 -7.22
CA ARG B 113 1.38 -11.10 -6.70
C ARG B 113 0.51 -11.61 -7.83
N SER B 114 0.20 -10.73 -8.77
CA SER B 114 -0.57 -11.09 -9.95
C SER B 114 0.21 -11.97 -10.92
N ARG B 115 1.54 -11.80 -10.99
CA ARG B 115 2.35 -12.57 -11.93
C ARG B 115 2.44 -14.02 -11.51
N SER B 116 2.57 -14.28 -10.21
CA SER B 116 2.73 -15.63 -9.72
C SER B 116 1.39 -16.31 -9.57
N LEU B 117 1.46 -17.63 -9.41
CA LEU B 117 0.27 -18.46 -9.29
C LEU B 117 -0.43 -18.18 -7.96
N PRO B 118 -1.74 -18.42 -7.88
CA PRO B 118 -2.46 -18.26 -6.61
C PRO B 118 -1.92 -19.15 -5.50
N SER B 119 -1.36 -20.30 -5.83
CA SER B 119 -0.84 -21.19 -4.80
C SER B 119 0.57 -20.84 -4.34
N ALA B 120 1.16 -19.80 -4.86
CA ALA B 120 2.57 -19.55 -4.55
C ALA B 120 2.70 -18.91 -3.17
N PRO B 121 3.83 -19.10 -2.51
CA PRO B 121 3.99 -18.46 -1.20
C PRO B 121 3.76 -16.96 -1.21
N ILE B 122 4.16 -16.25 -2.28
CA ILE B 122 3.98 -14.80 -2.27
C ILE B 122 2.52 -14.40 -2.19
N ASN B 123 1.60 -15.32 -2.53
CA ASN B 123 0.17 -15.06 -2.54
C ASN B 123 -0.56 -15.69 -1.36
N ALA B 124 0.15 -16.27 -0.42
CA ALA B 124 -0.50 -16.89 0.72
C ALA B 124 -1.24 -15.85 1.55
N PRO B 125 -2.39 -16.19 2.13
CA PRO B 125 -3.12 -15.22 2.96
C PRO B 125 -2.31 -14.70 4.12
N ASP B 126 -1.26 -15.43 4.54
CA ASP B 126 -0.39 -15.03 5.63
C ASP B 126 0.96 -14.47 5.18
N ALA B 127 1.15 -14.17 3.89
CA ALA B 127 2.47 -13.68 3.50
C ALA B 127 2.54 -12.17 3.69
N GLY B 128 3.75 -11.66 3.76
CA GLY B 128 3.88 -10.22 3.86
C GLY B 128 3.60 -9.60 2.51
N THR B 129 3.76 -8.28 2.41
CA THR B 129 3.84 -7.64 1.11
C THR B 129 5.02 -6.69 1.10
N ALA B 130 5.46 -6.37 -0.12
CA ALA B 130 6.52 -5.38 -0.27
C ALA B 130 6.14 -4.07 0.41
N VAL B 131 4.84 -3.79 0.52
CA VAL B 131 4.40 -2.59 1.25
C VAL B 131 4.71 -2.72 2.72
N ASP B 132 4.43 -3.88 3.33
CA ASP B 132 4.84 -4.10 4.72
C ASP B 132 6.33 -3.90 4.88
N TRP B 133 7.09 -4.40 3.91
CA TRP B 133 8.54 -4.35 3.98
C TRP B 133 9.04 -2.90 3.94
N VAL B 134 8.59 -2.13 2.96
CA VAL B 134 9.03 -0.74 2.81
C VAL B 134 8.56 0.10 3.98
N LEU B 135 7.32 -0.08 4.42
CA LEU B 135 6.86 0.60 5.62
C LEU B 135 7.76 0.30 6.80
N SER B 136 8.08 -0.98 7.02
CA SER B 136 8.86 -1.34 8.20
C SER B 136 10.29 -0.80 8.16
N SER B 137 10.74 -0.23 7.04
CA SER B 137 12.14 0.14 6.88
C SER B 137 12.37 1.64 6.88
N LEU B 138 11.32 2.44 7.00
CA LEU B 138 11.47 3.88 6.90
C LEU B 138 12.43 4.41 7.96
N ALA B 139 12.43 3.79 9.13
CA ALA B 139 13.29 4.20 10.22
C ALA B 139 14.61 3.47 10.24
N ASP B 140 14.95 2.75 9.18
CA ASP B 140 16.27 2.17 9.10
C ASP B 140 17.32 3.24 8.91
N ASP B 141 18.50 2.98 9.44
CA ASP B 141 19.63 3.86 9.20
C ASP B 141 19.93 3.82 7.71
N GLU B 142 20.02 4.99 7.09
CA GLU B 142 20.23 5.04 5.65
C GLU B 142 21.65 4.63 5.29
N ASP B 143 21.79 3.93 4.17
CA ASP B 143 23.09 3.39 3.78
C ASP B 143 24.04 4.52 3.41
N ASP B 144 25.32 4.28 3.66
CA ASP B 144 26.34 5.28 3.42
C ASP B 144 26.41 5.58 1.92
N GLU B 145 26.53 6.86 1.59
CA GLU B 145 26.70 7.20 0.18
C GLU B 145 28.18 7.14 -0.18
N VAL B 146 28.45 6.84 -1.45
CA VAL B 146 29.80 6.87 -1.97
C VAL B 146 30.36 8.28 -1.83
N PRO B 147 31.51 8.50 -1.18
CA PRO B 147 32.11 9.85 -1.14
C PRO B 147 32.27 10.45 -2.52
N ALA B 148 31.65 11.61 -2.75
CA ALA B 148 31.73 12.24 -4.08
C ALA B 148 33.15 12.55 -4.49
N GLY B 149 34.03 12.80 -3.55
CA GLY B 149 35.41 13.08 -3.87
C GLY B 149 36.31 11.87 -3.90
N MET B 150 35.76 10.67 -3.89
CA MET B 150 36.62 9.50 -3.85
C MET B 150 37.43 9.42 -5.15
N THR B 151 38.65 8.95 -5.04
CA THR B 151 39.46 8.83 -6.24
C THR B 151 39.22 7.48 -6.92
N ALA B 152 39.52 7.43 -8.22
CA ALA B 152 39.40 6.17 -8.94
C ALA B 152 40.34 5.13 -8.34
N GLU B 153 41.52 5.55 -7.91
CA GLU B 153 42.49 4.61 -7.34
C GLU B 153 41.97 4.04 -6.04
N GLU B 154 41.37 4.88 -5.21
CA GLU B 154 40.71 4.37 -4.02
C GLU B 154 39.59 3.41 -4.38
N ALA B 155 38.91 3.65 -5.50
CA ALA B 155 37.86 2.73 -5.95
C ALA B 155 38.44 1.38 -6.32
N VAL B 156 39.54 1.39 -7.06
CA VAL B 156 40.21 0.13 -7.37
C VAL B 156 40.68 -0.54 -6.09
N ARG B 157 41.20 0.24 -5.16
CA ARG B 157 41.69 -0.32 -3.90
C ARG B 157 40.58 -1.05 -3.15
N LEU B 158 39.45 -0.38 -2.95
CA LEU B 158 38.33 -1.00 -2.23
C LEU B 158 37.81 -2.22 -2.99
N LEU B 159 37.75 -2.14 -4.32
CA LEU B 159 37.19 -3.23 -5.12
C LEU B 159 38.07 -4.47 -5.03
N SER B 160 39.40 -4.28 -4.98
CA SER B 160 40.34 -5.39 -4.83
C SER B 160 40.23 -6.04 -3.47
N ARG B 161 40.21 -5.22 -2.41
CA ARG B 161 39.97 -5.76 -1.08
C ARG B 161 38.67 -6.57 -1.05
N GLN B 162 37.67 -6.17 -1.82
CA GLN B 162 36.38 -6.83 -1.71
C GLN B 162 36.35 -8.17 -2.42
N VAL B 163 36.99 -8.28 -3.59
CA VAL B 163 37.07 -9.59 -4.24
C VAL B 163 37.80 -10.55 -3.31
N ASP B 164 38.77 -10.05 -2.55
CA ASP B 164 39.58 -10.91 -1.70
C ASP B 164 38.76 -11.48 -0.54
N ASP B 165 37.75 -10.78 -0.07
CA ASP B 165 36.86 -11.29 0.97
C ASP B 165 35.75 -12.19 0.44
N LEU B 166 35.81 -12.60 -0.81
CA LEU B 166 34.81 -13.51 -1.34
C LEU B 166 35.06 -14.92 -0.82
N PRO B 167 34.00 -15.64 -0.43
CA PRO B 167 34.16 -16.91 0.29
C PRO B 167 34.93 -18.01 -0.44
N ARG B 168 35.06 -17.98 -1.78
CA ARG B 168 35.78 -19.02 -2.55
C ARG B 168 35.01 -20.33 -2.42
N SER B 169 35.56 -21.39 -1.81
CA SER B 169 34.78 -22.63 -1.77
C SER B 169 33.91 -22.80 -0.53
N PRO B 170 34.42 -22.59 0.70
CA PRO B 170 33.54 -22.64 1.90
C PRO B 170 32.33 -21.71 1.84
N GLY B 171 31.17 -22.25 2.22
CA GLY B 171 29.92 -21.51 2.09
C GLY B 171 29.36 -21.54 0.68
N ALA B 172 30.13 -20.97 -0.25
CA ALA B 172 29.82 -20.97 -1.68
C ALA B 172 28.47 -20.33 -1.99
N ASP B 173 28.26 -19.10 -1.47
CA ASP B 173 27.07 -18.31 -1.86
C ASP B 173 27.24 -17.81 -3.29
N PRO B 174 26.39 -18.24 -4.23
CA PRO B 174 26.63 -17.89 -5.64
C PRO B 174 26.38 -16.43 -5.94
N TRP B 175 25.46 -15.78 -5.21
CA TRP B 175 25.12 -14.38 -5.38
C TRP B 175 26.12 -13.42 -4.71
N SER B 176 27.23 -13.91 -4.19
CA SER B 176 28.15 -12.99 -3.51
C SER B 176 28.84 -12.06 -4.51
N LEU B 177 29.01 -12.49 -5.76
CA LEU B 177 29.70 -11.63 -6.72
C LEU B 177 28.86 -10.39 -7.05
N VAL B 178 27.56 -10.61 -7.36
CA VAL B 178 26.64 -9.51 -7.68
C VAL B 178 26.47 -8.58 -6.48
N ALA B 179 26.35 -9.16 -5.28
CA ALA B 179 26.11 -8.38 -4.08
C ALA B 179 27.35 -7.64 -3.58
N GLY B 180 28.55 -8.06 -3.96
CA GLY B 180 29.75 -7.45 -3.45
C GLY B 180 30.40 -6.56 -4.49
N PRO B 181 31.39 -7.09 -5.21
CA PRO B 181 32.12 -6.25 -6.19
C PRO B 181 31.22 -5.57 -7.21
N LEU B 182 30.26 -6.30 -7.79
CA LEU B 182 29.44 -5.71 -8.84
C LEU B 182 28.53 -4.61 -8.30
N ALA B 183 27.96 -4.80 -7.10
CA ALA B 183 27.14 -3.74 -6.52
C ALA B 183 27.97 -2.50 -6.24
N ALA B 184 29.24 -2.70 -5.87
CA ALA B 184 30.14 -1.57 -5.62
C ALA B 184 30.55 -0.87 -6.90
N ILE B 185 30.85 -1.63 -7.95
CA ILE B 185 31.09 -1.02 -9.24
C ILE B 185 29.91 -0.16 -9.65
N GLY B 186 28.69 -0.65 -9.41
CA GLY B 186 27.52 0.15 -9.77
C GLY B 186 27.45 1.46 -8.99
N ARG B 187 27.72 1.40 -7.69
CA ARG B 187 27.69 2.62 -6.89
C ARG B 187 28.81 3.56 -7.29
N PHE B 188 30.02 3.03 -7.52
CA PHE B 188 31.11 3.86 -8.01
C PHE B 188 30.75 4.49 -9.34
N GLY B 189 30.21 3.70 -10.25
CA GLY B 189 29.81 4.26 -11.53
C GLY B 189 28.74 5.31 -11.40
N ARG B 190 27.70 5.02 -10.61
CA ARG B 190 26.59 5.94 -10.51
C ARG B 190 27.00 7.27 -9.87
N ALA B 191 27.96 7.24 -8.94
CA ALA B 191 28.48 8.46 -8.35
C ALA B 191 29.48 9.20 -9.25
N GLY B 192 29.81 8.67 -10.42
CA GLY B 192 30.82 9.32 -11.24
C GLY B 192 32.26 9.11 -10.80
N ILE B 193 32.54 8.11 -9.99
CA ILE B 193 33.92 7.97 -9.54
C ILE B 193 34.77 7.31 -10.63
N ALA B 194 34.22 6.37 -11.38
CA ALA B 194 34.97 5.75 -12.46
C ALA B 194 34.00 5.13 -13.42
N ASP B 195 34.49 4.89 -14.63
CA ASP B 195 33.76 4.18 -15.67
C ASP B 195 33.58 2.73 -15.26
N GLU B 196 32.34 2.24 -15.28
CA GLU B 196 32.07 0.87 -14.84
C GLU B 196 32.70 -0.15 -15.77
N CYS B 197 32.81 0.15 -17.07
CA CYS B 197 33.43 -0.78 -18.01
C CYS B 197 34.87 -1.01 -17.64
N TRP B 198 35.58 0.05 -17.30
CA TRP B 198 36.95 -0.09 -16.84
C TRP B 198 37.03 -0.90 -15.54
N LEU B 199 36.12 -0.62 -14.59
CA LEU B 199 36.14 -1.33 -13.31
C LEU B 199 35.79 -2.80 -13.49
N LEU B 200 35.01 -3.11 -14.51
CA LEU B 200 34.73 -4.51 -14.79
C LEU B 200 35.99 -5.19 -15.30
N GLU B 201 36.73 -4.52 -16.18
CA GLU B 201 38.00 -5.05 -16.64
C GLU B 201 38.93 -5.34 -15.48
N VAL B 202 39.08 -4.37 -14.57
CA VAL B 202 39.90 -4.58 -13.39
C VAL B 202 39.41 -5.81 -12.64
N LEU B 203 38.09 -5.95 -12.52
CA LEU B 203 37.52 -7.09 -11.80
C LEU B 203 37.87 -8.40 -12.49
N ALA B 204 37.85 -8.42 -13.82
CA ALA B 204 38.19 -9.64 -14.52
C ALA B 204 39.61 -10.08 -14.16
N GLY B 205 40.54 -9.12 -14.09
CA GLY B 205 41.92 -9.45 -13.79
C GLY B 205 42.09 -10.05 -12.41
N ARG B 206 41.59 -9.37 -11.37
CA ARG B 206 41.69 -9.93 -10.03
C ARG B 206 41.08 -11.33 -9.96
N LEU B 207 40.15 -11.66 -10.85
CA LEU B 207 39.50 -12.97 -10.86
C LEU B 207 40.29 -14.04 -11.63
N ARG B 208 41.00 -13.69 -12.70
CA ARG B 208 41.82 -14.69 -13.37
C ARG B 208 42.97 -15.16 -12.49
N ALA B 209 43.43 -14.30 -11.57
CA ALA B 209 44.62 -14.63 -10.79
C ALA B 209 44.37 -15.79 -9.85
N VAL B 210 43.28 -15.74 -9.08
CA VAL B 210 43.02 -16.81 -8.11
C VAL B 210 42.85 -18.17 -8.81
N ASP B 211 42.13 -18.17 -9.94
CA ASP B 211 41.91 -19.38 -10.74
C ASP B 211 41.39 -20.56 -9.93
N ASP B 212 40.52 -20.28 -8.96
CA ASP B 212 39.90 -21.35 -8.20
C ASP B 212 38.74 -21.88 -9.04
N ASP B 213 37.84 -22.65 -8.43
CA ASP B 213 36.66 -23.08 -9.19
C ASP B 213 35.74 -21.90 -9.47
N LEU B 214 35.36 -21.13 -8.43
CA LEU B 214 34.35 -20.11 -8.62
C LEU B 214 34.80 -19.07 -9.62
N SER B 215 36.08 -18.69 -9.58
CA SER B 215 36.53 -17.62 -10.44
C SER B 215 36.48 -18.03 -11.90
N ARG B 216 36.78 -19.30 -12.21
CA ARG B 216 36.66 -19.76 -13.58
C ARG B 216 35.21 -19.62 -14.07
N SER B 217 34.26 -19.95 -13.20
CA SER B 217 32.85 -19.85 -13.51
C SER B 217 32.42 -18.42 -13.76
N TRP B 218 32.80 -17.50 -12.86
CA TRP B 218 32.36 -16.13 -12.91
C TRP B 218 32.82 -15.41 -14.16
N LEU B 219 33.87 -15.91 -14.82
CA LEU B 219 34.29 -15.32 -16.08
C LEU B 219 33.65 -16.00 -17.28
N SER B 220 33.19 -17.24 -17.14
CA SER B 220 32.71 -17.98 -18.30
C SER B 220 31.19 -18.04 -18.42
N SER B 221 30.44 -18.09 -17.31
CA SER B 221 29.00 -18.25 -17.39
C SER B 221 28.34 -16.99 -17.97
N PRO B 222 27.32 -17.13 -18.82
CA PRO B 222 26.64 -15.96 -19.37
C PRO B 222 25.65 -15.32 -18.39
N THR B 223 25.46 -15.91 -17.21
CA THR B 223 24.60 -15.38 -16.18
C THR B 223 25.26 -15.52 -14.81
N LEU B 224 24.72 -14.75 -13.86
CA LEU B 224 25.14 -14.80 -12.46
C LEU B 224 23.90 -14.92 -11.57
N ALA B 225 24.14 -15.39 -10.35
CA ALA B 225 23.09 -15.48 -9.36
C ALA B 225 22.92 -14.13 -8.67
N ASP B 226 21.67 -13.74 -8.47
CA ASP B 226 21.34 -12.55 -7.71
C ASP B 226 20.21 -12.95 -6.77
N ARG B 227 19.70 -12.02 -5.98
CA ARG B 227 18.60 -12.33 -5.09
C ARG B 227 17.50 -11.32 -5.31
N ALA B 228 16.28 -11.82 -5.49
CA ALA B 228 15.12 -10.99 -5.80
C ALA B 228 14.35 -10.63 -4.54
N VAL B 229 13.84 -9.40 -4.52
CA VAL B 229 13.05 -8.91 -3.38
C VAL B 229 11.66 -8.45 -3.77
N LEU B 230 11.33 -8.38 -5.06
CA LEU B 230 10.00 -7.94 -5.51
C LEU B 230 9.29 -8.98 -6.37
N VAL B 231 10.01 -9.63 -7.29
CA VAL B 231 9.45 -10.64 -8.18
C VAL B 231 9.93 -12.00 -7.70
N GLY B 232 9.00 -12.96 -7.59
CA GLY B 232 9.37 -14.33 -7.22
C GLY B 232 8.31 -15.13 -6.48
N GLU B 233 7.91 -16.30 -7.04
CA GLU B 233 6.80 -17.07 -6.47
C GLU B 233 7.02 -17.39 -5.00
N GLY B 234 8.27 -17.53 -4.57
CA GLY B 234 8.55 -17.91 -3.19
C GLY B 234 8.83 -16.79 -2.22
N LEU B 235 8.53 -15.54 -2.56
CA LEU B 235 8.93 -14.43 -1.71
C LEU B 235 8.06 -14.36 -0.44
N ARG B 236 8.68 -13.93 0.65
CA ARG B 236 7.96 -13.74 1.89
C ARG B 236 8.47 -12.45 2.51
N TYR B 237 7.62 -11.76 3.28
CA TYR B 237 7.98 -10.51 3.96
C TYR B 237 7.52 -10.65 5.41
N ARG B 238 8.46 -10.86 6.31
CA ARG B 238 8.12 -11.10 7.70
C ARG B 238 8.46 -9.81 8.44
N PRO B 239 7.69 -8.75 8.17
CA PRO B 239 8.21 -7.37 8.12
C PRO B 239 9.69 -7.26 7.75
N ASP B 240 10.12 -8.03 6.76
CA ASP B 240 11.49 -8.07 6.29
C ASP B 240 11.55 -9.13 5.21
N VAL B 241 12.23 -8.85 4.13
CA VAL B 241 12.14 -9.70 2.96
C VAL B 241 13.01 -10.94 3.15
N ARG B 242 12.46 -12.10 2.77
CA ARG B 242 13.18 -13.35 2.61
C ARG B 242 13.39 -13.53 1.13
N PRO B 243 14.55 -13.17 0.59
CA PRO B 243 14.73 -13.15 -0.87
C PRO B 243 14.76 -14.55 -1.44
N VAL B 244 14.73 -14.61 -2.77
CA VAL B 244 14.74 -15.84 -3.56
C VAL B 244 15.78 -15.68 -4.66
N PRO B 245 16.47 -16.75 -5.05
CA PRO B 245 17.52 -16.60 -6.05
C PRO B 245 16.95 -16.51 -7.44
N PHE B 246 17.68 -15.84 -8.32
CA PHE B 246 17.34 -15.78 -9.73
C PHE B 246 18.61 -15.41 -10.46
N ASP B 247 18.59 -15.56 -11.78
CA ASP B 247 19.77 -15.31 -12.60
C ASP B 247 19.64 -13.98 -13.34
N VAL B 248 20.77 -13.32 -13.53
CA VAL B 248 20.84 -12.04 -14.22
C VAL B 248 21.98 -12.13 -15.21
N PRO B 249 21.98 -11.32 -16.26
CA PRO B 249 23.11 -11.34 -17.20
C PRO B 249 24.42 -11.08 -16.47
N ASN B 250 25.48 -11.74 -16.92
CA ASN B 250 26.82 -11.57 -16.37
C ASN B 250 27.51 -10.42 -17.08
N PRO B 251 27.78 -9.29 -16.40
CA PRO B 251 28.44 -8.17 -17.07
C PRO B 251 29.88 -8.46 -17.45
N LEU B 252 30.52 -9.45 -16.83
CA LEU B 252 31.88 -9.86 -17.18
C LEU B 252 31.91 -10.79 -18.37
N HIS B 253 30.75 -11.15 -18.93
CA HIS B 253 30.69 -12.14 -19.99
C HIS B 253 30.67 -11.48 -21.36
N GLU B 254 31.46 -12.08 -22.25
CA GLU B 254 31.65 -11.61 -23.62
C GLU B 254 30.46 -11.93 -24.51
N GLY B 255 30.24 -13.22 -24.79
CA GLY B 255 29.16 -13.66 -25.64
C GLY B 255 29.43 -13.36 -27.09
N LYS B 256 28.51 -12.65 -27.74
CA LYS B 256 28.54 -12.32 -29.17
C LYS B 256 29.19 -13.44 -29.98
N SER B 257 28.73 -14.67 -29.79
CA SER B 257 29.29 -15.77 -30.56
C SER B 257 28.65 -15.78 -31.95
N ASP B 258 29.24 -16.59 -32.81
CA ASP B 258 28.87 -16.68 -34.23
C ASP B 258 27.73 -17.66 -34.44
N VAL B 259 26.69 -17.58 -33.63
CA VAL B 259 25.64 -18.61 -33.65
C VAL B 259 24.77 -18.44 -34.89
N PRO B 260 24.55 -19.49 -35.67
CA PRO B 260 23.74 -19.37 -36.90
C PRO B 260 22.29 -19.07 -36.57
N PRO B 261 21.47 -18.80 -37.58
CA PRO B 261 20.03 -18.66 -37.36
C PRO B 261 19.40 -20.00 -36.99
N PRO B 262 18.15 -20.02 -36.56
CA PRO B 262 17.48 -21.29 -36.26
C PRO B 262 17.53 -22.20 -37.46
N PRO B 263 17.77 -23.49 -37.25
CA PRO B 263 17.65 -24.46 -38.33
C PRO B 263 16.19 -24.78 -38.61
N VAL B 264 15.95 -25.37 -39.77
CA VAL B 264 14.64 -25.89 -40.14
C VAL B 264 14.58 -27.35 -39.70
N PRO B 265 13.79 -27.70 -38.69
CA PRO B 265 13.69 -29.11 -38.30
C PRO B 265 12.87 -29.88 -39.32
N VAL B 266 12.98 -31.21 -39.26
CA VAL B 266 12.19 -32.10 -40.13
C VAL B 266 11.41 -33.06 -39.25
N LEU B 267 10.09 -32.91 -39.19
CA LEU B 267 9.23 -33.80 -38.44
C LEU B 267 8.77 -34.91 -39.37
N GLY B 268 8.89 -36.14 -38.94
CA GLY B 268 8.38 -37.27 -39.69
C GLY B 268 6.94 -37.58 -39.33
N GLY B 269 6.52 -38.80 -39.71
CA GLY B 269 5.23 -39.31 -39.31
C GLY B 269 4.06 -38.49 -39.80
N PRO B 270 3.08 -38.25 -38.93
CA PRO B 270 1.91 -37.47 -39.32
C PRO B 270 2.16 -35.98 -39.37
N TRP B 271 3.35 -35.50 -39.03
CA TRP B 271 3.59 -34.07 -38.94
C TRP B 271 4.38 -33.57 -40.15
N SER B 272 4.12 -32.33 -40.54
CA SER B 272 4.97 -31.62 -41.48
C SER B 272 5.26 -30.24 -40.93
N LEU B 273 6.40 -29.68 -41.33
CA LEU B 273 6.76 -28.34 -40.89
C LEU B 273 7.53 -27.66 -42.00
N ARG B 274 7.27 -26.37 -42.22
CA ARG B 274 8.00 -25.56 -43.20
C ARG B 274 7.98 -24.12 -42.74
N PRO B 275 8.92 -23.30 -43.22
CA PRO B 275 8.90 -21.87 -42.89
C PRO B 275 7.75 -21.16 -43.58
N VAL B 276 7.31 -20.08 -42.93
CA VAL B 276 6.31 -19.18 -43.51
C VAL B 276 6.86 -18.53 -44.78
N GLU B 277 5.99 -18.40 -45.80
CA GLU B 277 6.29 -17.68 -47.03
C GLU B 277 5.54 -16.36 -47.06
N VAL B 278 6.27 -15.27 -47.30
CA VAL B 278 5.68 -13.94 -47.35
C VAL B 278 5.82 -13.41 -48.78
N ALA B 279 4.67 -13.21 -49.43
CA ALA B 279 4.65 -12.65 -50.77
C ALA B 279 5.06 -11.20 -50.73
N VAL B 280 5.99 -10.82 -51.62
CA VAL B 280 6.34 -9.41 -51.76
C VAL B 280 5.16 -8.62 -52.33
N HIS B 281 4.25 -9.30 -53.00
CA HIS B 281 3.20 -8.68 -53.80
C HIS B 281 1.90 -8.58 -53.01
N GLY B 282 1.47 -7.36 -52.70
CA GLY B 282 0.09 -7.12 -52.34
C GLY B 282 -0.36 -7.51 -50.95
N ASP B 283 -1.25 -8.49 -50.87
CA ASP B 283 -1.85 -8.85 -49.59
C ASP B 283 -0.82 -9.45 -48.64
N GLY B 284 0.19 -10.14 -49.16
CA GLY B 284 1.16 -10.85 -48.36
C GLY B 284 1.21 -12.34 -48.58
N GLY B 285 0.25 -12.93 -49.28
CA GLY B 285 0.28 -14.34 -49.56
C GLY B 285 -0.63 -15.10 -48.61
N PRO B 286 -0.80 -16.39 -48.88
CA PRO B 286 -1.77 -17.17 -48.10
C PRO B 286 -1.30 -17.52 -46.68
N ASP B 287 0.03 -17.57 -46.48
CA ASP B 287 0.56 -17.87 -45.15
C ASP B 287 0.41 -16.70 -44.20
N VAL B 288 0.69 -15.47 -44.66
CA VAL B 288 0.38 -14.33 -43.81
C VAL B 288 -1.10 -14.33 -43.45
N ALA B 289 -1.97 -14.76 -44.39
CA ALA B 289 -3.40 -14.76 -44.15
C ALA B 289 -3.79 -15.77 -43.07
N LEU B 290 -3.23 -16.98 -43.16
CA LEU B 290 -3.47 -18.02 -42.16
C LEU B 290 -3.04 -17.56 -40.77
N VAL B 291 -1.79 -17.08 -40.65
CA VAL B 291 -1.29 -16.62 -39.37
C VAL B 291 -2.16 -15.49 -38.84
N HIS B 292 -2.50 -14.53 -39.70
CA HIS B 292 -3.35 -13.40 -39.28
C HIS B 292 -4.67 -13.89 -38.71
N ARG B 293 -5.34 -14.82 -39.39
CA ARG B 293 -6.62 -15.30 -38.90
C ARG B 293 -6.46 -16.00 -37.56
N TRP B 294 -5.58 -17.01 -37.52
CA TRP B 294 -5.36 -17.79 -36.31
C TRP B 294 -5.07 -16.89 -35.12
N MET B 295 -4.14 -15.95 -35.29
CA MET B 295 -3.71 -15.10 -34.19
C MET B 295 -4.82 -14.19 -33.67
N ASN B 296 -5.93 -14.07 -34.41
CA ASN B 296 -7.06 -13.25 -34.03
C ASN B 296 -8.24 -14.06 -33.51
N THR B 297 -8.22 -15.39 -33.65
CA THR B 297 -9.22 -16.20 -32.96
C THR B 297 -9.06 -16.01 -31.45
N PRO B 298 -10.16 -16.14 -30.69
CA PRO B 298 -10.07 -15.79 -29.25
C PRO B 298 -9.16 -16.71 -28.44
N HIS B 299 -9.19 -18.03 -28.68
CA HIS B 299 -8.40 -18.93 -27.86
C HIS B 299 -6.90 -18.74 -28.06
N VAL B 300 -6.49 -18.30 -29.25
CA VAL B 300 -5.08 -18.05 -29.48
C VAL B 300 -4.68 -16.68 -28.96
N ALA B 301 -5.49 -15.66 -29.26
CA ALA B 301 -5.17 -14.30 -28.82
C ALA B 301 -5.16 -14.19 -27.30
N HIS B 302 -5.94 -15.02 -26.62
CA HIS B 302 -6.03 -14.92 -25.16
C HIS B 302 -4.68 -15.16 -24.50
N HIS B 303 -3.78 -15.89 -25.17
CA HIS B 303 -2.42 -16.17 -24.71
C HIS B 303 -1.32 -15.40 -25.45
N TRP B 304 -1.37 -15.30 -26.78
CA TRP B 304 -0.27 -14.65 -27.49
C TRP B 304 -0.35 -13.15 -27.40
N ASN B 305 -1.56 -12.61 -27.26
CA ASN B 305 -1.81 -11.18 -27.28
C ASN B 305 -1.21 -10.51 -28.52
N GLN B 306 -1.49 -11.11 -29.67
CA GLN B 306 -1.08 -10.55 -30.96
C GLN B 306 -2.20 -10.70 -32.00
N ALA B 307 -3.42 -10.33 -31.60
CA ALA B 307 -4.57 -10.29 -32.52
C ALA B 307 -4.52 -8.97 -33.30
N TRP B 308 -3.52 -8.89 -34.19
CA TRP B 308 -3.13 -7.73 -34.97
C TRP B 308 -3.87 -7.69 -36.31
N PRO B 309 -3.85 -6.54 -36.98
CA PRO B 309 -4.38 -6.48 -38.35
C PRO B 309 -3.45 -7.17 -39.34
N LEU B 310 -4.01 -7.47 -40.51
CA LEU B 310 -3.28 -8.24 -41.50
C LEU B 310 -1.95 -7.58 -41.85
N GLU B 311 -1.93 -6.24 -41.95
CA GLU B 311 -0.72 -5.58 -42.42
C GLU B 311 0.40 -5.67 -41.38
N ARG B 312 0.10 -5.50 -40.10
CA ARG B 312 1.15 -5.61 -39.08
C ARG B 312 1.77 -7.01 -39.08
N TRP B 313 0.95 -8.05 -39.20
CA TRP B 313 1.47 -9.40 -39.20
C TRP B 313 2.34 -9.66 -40.40
N ARG B 314 1.96 -9.16 -41.57
CA ARG B 314 2.76 -9.38 -42.78
C ARG B 314 4.17 -8.85 -42.61
N GLU B 315 4.32 -7.75 -41.87
CA GLU B 315 5.64 -7.19 -41.66
C GLU B 315 6.37 -7.82 -40.48
N GLU B 316 5.62 -8.39 -39.54
CA GLU B 316 6.22 -9.18 -38.47
C GLU B 316 6.93 -10.41 -39.04
N LEU B 317 6.20 -11.23 -39.81
CA LEU B 317 6.75 -12.46 -40.35
C LEU B 317 7.94 -12.20 -41.26
N ALA B 318 7.87 -11.14 -42.07
CA ALA B 318 8.98 -10.80 -42.95
C ALA B 318 10.20 -10.39 -42.13
N HIS B 319 10.00 -9.58 -41.09
CA HIS B 319 11.12 -9.16 -40.27
C HIS B 319 11.81 -10.35 -39.61
N GLN B 320 11.03 -11.32 -39.13
CA GLN B 320 11.63 -12.52 -38.55
C GLN B 320 12.40 -13.32 -39.60
N LEU B 321 11.76 -13.58 -40.75
CA LEU B 321 12.41 -14.39 -41.78
C LEU B 321 13.72 -13.77 -42.24
N GLY B 322 13.84 -12.45 -42.21
CA GLY B 322 15.10 -11.86 -42.61
C GLY B 322 16.18 -11.81 -41.56
N GLY B 323 15.86 -12.13 -40.30
CA GLY B 323 16.81 -12.02 -39.21
C GLY B 323 17.44 -13.34 -38.81
N GLU B 324 18.24 -13.28 -37.74
CA GLU B 324 18.90 -14.45 -37.19
C GLU B 324 18.30 -14.89 -35.87
N HIS B 325 17.16 -14.31 -35.49
CA HIS B 325 16.59 -14.52 -34.18
C HIS B 325 15.56 -15.64 -34.23
N SER B 326 14.51 -15.45 -35.02
CA SER B 326 13.30 -16.25 -34.97
C SER B 326 12.94 -16.72 -36.37
N LEU B 327 12.37 -17.91 -36.44
CA LEU B 327 11.97 -18.55 -37.69
C LEU B 327 10.51 -18.92 -37.57
N PRO B 328 9.60 -18.23 -38.26
CA PRO B 328 8.19 -18.60 -38.16
C PRO B 328 7.86 -19.70 -39.15
N CYS B 329 7.06 -20.67 -38.68
CA CYS B 329 6.81 -21.89 -39.44
C CYS B 329 5.34 -22.27 -39.38
N VAL B 330 4.87 -23.00 -40.39
CA VAL B 330 3.54 -23.57 -40.42
C VAL B 330 3.64 -25.07 -40.25
N VAL B 331 2.88 -25.63 -39.32
CA VAL B 331 2.92 -27.05 -39.02
C VAL B 331 1.64 -27.70 -39.53
N GLY B 332 1.78 -28.80 -40.26
CA GLY B 332 0.67 -29.58 -40.73
C GLY B 332 0.55 -30.87 -39.96
N HIS B 333 -0.67 -31.40 -39.86
CA HIS B 333 -0.93 -32.72 -39.27
C HIS B 333 -1.83 -33.48 -40.23
N GLU B 334 -1.29 -34.52 -40.84
CA GLU B 334 -2.02 -35.32 -41.82
C GLU B 334 -2.62 -34.43 -42.89
N GLY B 335 -1.80 -33.55 -43.42
CA GLY B 335 -2.16 -32.78 -44.58
C GLY B 335 -2.88 -31.48 -44.32
N ARG B 336 -3.32 -31.23 -43.09
CA ARG B 336 -4.04 -30.01 -42.75
C ARG B 336 -3.11 -29.07 -41.98
N GLU B 337 -3.06 -27.81 -42.42
CA GLU B 337 -2.26 -26.82 -41.72
C GLU B 337 -2.97 -26.42 -40.42
N VAL B 338 -2.38 -26.76 -39.28
CA VAL B 338 -3.07 -26.71 -38.01
C VAL B 338 -2.40 -25.80 -36.98
N ALA B 339 -1.11 -25.52 -37.08
CA ALA B 339 -0.46 -24.71 -36.05
C ALA B 339 0.58 -23.80 -36.67
N TYR B 340 0.96 -22.80 -35.89
CA TYR B 340 2.04 -21.88 -36.18
C TYR B 340 3.05 -21.98 -35.05
N LEU B 341 4.34 -21.93 -35.36
CA LEU B 341 5.31 -21.86 -34.28
C LEU B 341 6.49 -20.97 -34.64
N GLU B 342 7.16 -20.45 -33.61
CA GLU B 342 8.42 -19.73 -33.77
C GLU B 342 9.53 -20.51 -33.08
N LEU B 343 10.56 -20.85 -33.85
CA LEU B 343 11.80 -21.40 -33.35
C LEU B 343 12.80 -20.25 -33.27
N TYR B 344 13.41 -20.05 -32.10
CA TYR B 344 14.21 -18.84 -31.92
C TYR B 344 15.50 -19.15 -31.18
N ARG B 345 16.55 -18.40 -31.50
CA ARG B 345 17.81 -18.59 -30.79
C ARG B 345 17.75 -17.84 -29.46
N VAL B 346 17.92 -18.57 -28.35
CA VAL B 346 17.85 -17.95 -27.03
C VAL B 346 18.88 -16.83 -26.92
N THR B 347 20.04 -17.01 -27.54
CA THR B 347 21.11 -16.03 -27.40
C THR B 347 20.73 -14.67 -27.98
N ARG B 348 19.69 -14.60 -28.82
CA ARG B 348 19.19 -13.34 -29.39
C ARG B 348 17.82 -12.96 -28.83
N ASP B 349 17.40 -13.59 -27.74
CA ASP B 349 16.03 -13.52 -27.25
C ASP B 349 16.03 -12.93 -25.85
N LYS B 350 14.84 -12.50 -25.40
CA LYS B 350 14.67 -11.99 -24.05
C LYS B 350 15.06 -13.03 -23.00
N LEU B 351 14.98 -14.32 -23.34
CA LEU B 351 15.32 -15.36 -22.38
C LEU B 351 16.78 -15.34 -21.93
N ALA B 352 17.68 -14.75 -22.73
CA ALA B 352 19.11 -14.90 -22.47
C ALA B 352 19.55 -14.32 -21.14
N GLY B 353 18.81 -13.38 -20.57
CA GLY B 353 19.20 -12.92 -19.26
C GLY B 353 18.71 -13.74 -18.09
N CYS B 354 18.00 -14.86 -18.34
CA CYS B 354 17.17 -15.49 -17.32
C CYS B 354 17.70 -16.82 -16.80
N TYR B 355 18.63 -17.46 -17.50
CA TYR B 355 19.14 -18.74 -17.05
C TYR B 355 20.47 -18.97 -17.75
N PRO B 356 21.34 -19.82 -17.21
CA PRO B 356 22.67 -19.99 -17.82
C PRO B 356 22.62 -20.78 -19.11
N TYR B 357 22.26 -20.11 -20.20
CA TYR B 357 22.01 -20.72 -21.50
C TYR B 357 23.32 -21.07 -22.21
N GLY B 358 23.24 -22.03 -23.13
CA GLY B 358 24.32 -22.32 -24.05
C GLY B 358 24.06 -21.60 -25.37
N PRO B 359 25.14 -21.28 -26.09
CA PRO B 359 24.99 -20.39 -27.25
C PRO B 359 24.01 -20.87 -28.31
N HIS B 360 23.85 -22.19 -28.48
CA HIS B 360 23.00 -22.72 -29.52
C HIS B 360 21.59 -23.05 -29.03
N ASP B 361 21.23 -22.67 -27.81
CA ASP B 361 19.94 -23.06 -27.25
C ASP B 361 18.81 -22.55 -28.13
N LEU B 362 17.75 -23.35 -28.24
CA LEU B 362 16.64 -23.05 -29.12
C LEU B 362 15.33 -23.01 -28.33
N GLY B 363 14.44 -22.11 -28.73
CA GLY B 363 13.13 -21.99 -28.11
C GLY B 363 11.95 -22.18 -29.05
N VAL B 364 10.79 -22.45 -28.47
CA VAL B 364 9.57 -22.63 -29.26
C VAL B 364 8.43 -21.88 -28.58
N HIS B 365 7.77 -20.98 -29.34
CA HIS B 365 6.42 -20.51 -29.07
C HIS B 365 5.51 -21.21 -30.07
N ILE B 366 4.32 -21.61 -29.63
CA ILE B 366 3.43 -22.37 -30.49
C ILE B 366 2.01 -21.85 -30.32
N ALA B 367 1.24 -21.85 -31.42
CA ALA B 367 -0.17 -21.48 -31.40
C ALA B 367 -0.95 -22.51 -32.20
N ILE B 368 -1.93 -23.15 -31.56
CA ILE B 368 -2.78 -24.14 -32.22
C ILE B 368 -4.00 -23.44 -32.80
N GLY B 369 -4.04 -23.31 -34.13
CA GLY B 369 -5.15 -22.62 -34.77
C GLY B 369 -6.35 -23.53 -35.00
N GLU B 370 -6.08 -24.69 -35.61
CA GLU B 370 -7.10 -25.68 -35.95
C GLU B 370 -7.24 -26.69 -34.82
N ARG B 371 -7.62 -26.19 -33.64
CA ARG B 371 -7.98 -27.08 -32.54
C ARG B 371 -9.03 -28.08 -32.96
N GLU B 372 -9.89 -27.70 -33.92
CA GLU B 372 -10.90 -28.56 -34.51
C GLU B 372 -10.32 -29.86 -35.07
N VAL B 373 -9.00 -29.96 -35.21
CA VAL B 373 -8.32 -31.14 -35.78
C VAL B 373 -7.20 -31.56 -34.84
N LEU B 374 -7.04 -32.87 -34.66
CA LEU B 374 -6.16 -33.44 -33.62
C LEU B 374 -6.57 -32.94 -32.24
N GLY B 375 -7.89 -32.95 -31.99
CA GLY B 375 -8.50 -32.23 -30.87
C GLY B 375 -8.06 -32.57 -29.45
N ARG B 376 -7.33 -33.67 -29.22
CA ARG B 376 -6.98 -33.95 -27.83
C ARG B 376 -5.67 -34.70 -27.67
N GLY B 377 -4.81 -34.19 -26.79
CA GLY B 377 -3.53 -34.79 -26.46
C GLY B 377 -2.42 -34.72 -27.49
N PHE B 378 -2.78 -34.42 -28.74
CA PHE B 378 -1.80 -34.29 -29.81
C PHE B 378 -0.86 -33.11 -29.58
N GLY B 379 -1.24 -32.17 -28.70
CA GLY B 379 -0.38 -31.04 -28.42
C GLY B 379 0.98 -31.48 -27.91
N SER B 380 1.00 -32.30 -26.86
CA SER B 380 2.28 -32.73 -26.32
C SER B 380 3.05 -33.53 -27.36
N SER B 381 2.36 -34.30 -28.20
CA SER B 381 3.07 -35.10 -29.20
C SER B 381 3.77 -34.22 -30.21
N LEU B 382 3.14 -33.11 -30.59
CA LEU B 382 3.80 -32.16 -31.48
C LEU B 382 5.00 -31.53 -30.78
N LEU B 383 4.84 -31.14 -29.52
CA LEU B 383 5.96 -30.55 -28.82
C LEU B 383 7.14 -31.52 -28.70
N ARG B 384 6.85 -32.79 -28.41
CA ARG B 384 7.93 -33.76 -28.33
C ARG B 384 8.64 -33.94 -29.67
N ALA B 385 7.86 -34.04 -30.75
CA ALA B 385 8.43 -34.20 -32.08
C ALA B 385 9.30 -33.01 -32.45
N VAL B 386 8.87 -31.81 -32.12
CA VAL B 386 9.65 -30.63 -32.47
C VAL B 386 10.96 -30.59 -31.68
N ALA B 387 10.90 -30.93 -30.41
CA ALA B 387 12.11 -30.89 -29.61
C ALA B 387 13.16 -31.85 -30.18
N GLY B 388 12.77 -33.11 -30.40
CA GLY B 388 13.71 -34.06 -30.96
C GLY B 388 14.25 -33.62 -32.30
N ALA B 389 13.37 -33.12 -33.19
CA ALA B 389 13.81 -32.71 -34.52
C ALA B 389 14.76 -31.52 -34.47
N LEU B 390 14.52 -30.57 -33.56
CA LEU B 390 15.45 -29.46 -33.42
C LEU B 390 16.80 -29.96 -32.91
N LEU B 391 16.80 -30.91 -31.95
CA LEU B 391 18.06 -31.46 -31.48
C LEU B 391 18.82 -32.16 -32.60
N ASP B 392 18.10 -32.83 -33.52
CA ASP B 392 18.73 -33.40 -34.70
C ASP B 392 19.26 -32.31 -35.63
N ALA B 393 18.49 -31.25 -35.83
CA ALA B 393 18.82 -30.26 -36.84
C ALA B 393 20.07 -29.45 -36.48
N ASP B 394 20.34 -29.22 -35.20
CA ASP B 394 21.55 -28.50 -34.78
C ASP B 394 22.32 -29.36 -33.78
N PRO B 395 23.33 -30.12 -34.24
CA PRO B 395 24.06 -31.01 -33.33
C PRO B 395 24.75 -30.29 -32.18
N ARG B 396 24.95 -28.98 -32.27
CA ARG B 396 25.57 -28.26 -31.16
C ARG B 396 24.57 -27.68 -30.17
N CYS B 397 23.28 -27.87 -30.38
CA CYS B 397 22.27 -27.35 -29.48
C CYS B 397 22.15 -28.27 -28.25
N ALA B 398 22.21 -27.68 -27.05
CA ALA B 398 22.16 -28.46 -25.81
C ALA B 398 20.74 -28.72 -25.29
N ARG B 399 19.76 -27.91 -25.70
CA ARG B 399 18.44 -28.00 -25.11
C ARG B 399 17.47 -27.15 -25.92
N VAL B 400 16.22 -27.59 -25.94
CA VAL B 400 15.11 -26.80 -26.43
C VAL B 400 14.31 -26.33 -25.22
N VAL B 401 13.90 -25.06 -25.23
CA VAL B 401 13.24 -24.44 -24.09
C VAL B 401 11.94 -23.79 -24.55
N ALA B 402 11.13 -23.40 -23.56
CA ALA B 402 9.92 -22.63 -23.82
C ALA B 402 9.57 -21.88 -22.54
N GLU B 403 8.79 -20.81 -22.69
CA GLU B 403 8.48 -19.96 -21.54
C GLU B 403 6.99 -19.56 -21.55
N PRO B 404 6.09 -20.53 -21.45
CA PRO B 404 4.69 -20.18 -21.27
C PRO B 404 4.52 -19.43 -19.96
N ASN B 405 3.57 -18.50 -19.97
CA ASN B 405 3.14 -17.84 -18.73
C ASN B 405 2.84 -18.91 -17.67
N VAL B 406 3.31 -18.69 -16.44
CA VAL B 406 3.04 -19.68 -15.40
C VAL B 406 1.54 -19.93 -15.25
N HIS B 407 0.68 -18.96 -15.61
CA HIS B 407 -0.76 -19.15 -15.49
C HIS B 407 -1.34 -20.04 -16.57
N ASN B 408 -0.64 -20.20 -17.68
CA ASN B 408 -1.09 -21.07 -18.76
C ASN B 408 -0.71 -22.51 -18.43
N GLU B 409 -1.41 -23.05 -17.43
CA GLU B 409 -1.01 -24.35 -16.91
C GLU B 409 -1.33 -25.48 -17.87
N ALA B 410 -2.36 -25.33 -18.71
CA ALA B 410 -2.60 -26.35 -19.72
C ALA B 410 -1.41 -26.49 -20.63
N SER B 411 -0.81 -25.37 -21.03
CA SER B 411 0.38 -25.39 -21.87
C SER B 411 1.56 -25.96 -21.10
N VAL B 412 1.74 -25.53 -19.85
CA VAL B 412 2.80 -26.06 -19.00
C VAL B 412 2.69 -27.57 -18.91
N ARG B 413 1.48 -28.08 -18.72
CA ARG B 413 1.33 -29.54 -18.58
C ARG B 413 1.60 -30.24 -19.89
N ALA B 414 1.15 -29.67 -21.01
CA ALA B 414 1.47 -30.25 -22.31
C ALA B 414 2.97 -30.33 -22.53
N PHE B 415 3.72 -29.27 -22.15
CA PHE B 415 5.16 -29.31 -22.34
C PHE B 415 5.78 -30.40 -21.48
N ALA B 416 5.29 -30.58 -20.25
CA ALA B 416 5.87 -31.54 -19.33
C ALA B 416 5.59 -32.96 -19.79
N LYS B 417 4.41 -33.20 -20.33
CA LYS B 417 4.09 -34.50 -20.90
C LYS B 417 4.96 -34.82 -22.11
N ALA B 418 5.38 -33.79 -22.84
CA ALA B 418 6.27 -33.97 -23.98
C ALA B 418 7.71 -34.25 -23.57
N GLY B 419 8.03 -34.18 -22.27
CA GLY B 419 9.36 -34.45 -21.78
C GLY B 419 10.14 -33.22 -21.30
N PHE B 420 9.59 -32.02 -21.45
CA PHE B 420 10.18 -30.84 -20.83
C PHE B 420 10.07 -30.91 -19.31
N VAL B 421 11.02 -30.27 -18.64
CA VAL B 421 10.99 -30.15 -17.19
C VAL B 421 10.68 -28.71 -16.84
N ARG B 422 9.71 -28.51 -15.94
CA ARG B 422 9.47 -27.17 -15.42
C ARG B 422 10.64 -26.83 -14.50
N GLU B 423 11.66 -26.17 -15.02
CA GLU B 423 12.88 -26.01 -14.22
C GLU B 423 12.77 -24.89 -13.20
N ARG B 424 12.06 -23.81 -13.53
CA ARG B 424 11.96 -22.68 -12.60
C ARG B 424 10.92 -21.71 -13.14
N GLU B 425 10.51 -20.77 -12.29
CA GLU B 425 9.76 -19.59 -12.69
C GLU B 425 10.75 -18.46 -12.97
N ILE B 426 10.50 -17.69 -14.01
CA ILE B 426 11.38 -16.56 -14.33
C ILE B 426 10.56 -15.30 -14.56
N GLY B 427 11.16 -14.16 -14.22
CA GLY B 427 10.52 -12.88 -14.44
C GLY B 427 10.87 -12.24 -15.77
N LEU B 428 9.85 -11.93 -16.57
CA LEU B 428 10.03 -11.36 -17.89
C LEU B 428 9.34 -10.00 -17.93
N PRO B 429 9.63 -9.16 -18.93
CA PRO B 429 9.06 -7.80 -18.95
C PRO B 429 7.55 -7.72 -18.74
N ALA B 430 6.78 -8.67 -19.27
CA ALA B 430 5.32 -8.58 -19.16
C ALA B 430 4.64 -9.75 -18.47
N LYS B 431 5.38 -10.73 -17.95
CA LYS B 431 4.78 -11.92 -17.35
C LYS B 431 5.86 -12.64 -16.56
N ASN B 432 5.44 -13.52 -15.67
CA ASN B 432 6.30 -14.58 -15.13
C ASN B 432 6.03 -15.85 -15.94
N SER B 433 7.10 -16.55 -16.33
CA SER B 433 6.98 -17.75 -17.15
C SER B 433 7.49 -18.96 -16.41
N ALA B 434 6.93 -20.12 -16.74
CA ALA B 434 7.53 -21.41 -16.39
C ALA B 434 8.57 -21.76 -17.45
N LEU B 435 9.81 -21.90 -17.04
CA LEU B 435 10.88 -22.21 -17.98
C LEU B 435 10.88 -23.72 -18.20
N MET B 436 10.36 -24.14 -19.34
CA MET B 436 10.31 -25.56 -19.68
C MET B 436 11.56 -25.93 -20.46
N VAL B 437 12.28 -26.95 -20.00
CA VAL B 437 13.56 -27.32 -20.60
C VAL B 437 13.50 -28.75 -21.08
N PHE B 438 13.76 -28.96 -22.38
CA PHE B 438 13.88 -30.31 -22.97
C PHE B 438 15.36 -30.49 -23.24
N SER B 439 16.03 -31.18 -22.35
CA SER B 439 17.49 -31.21 -22.38
C SER B 439 17.97 -32.38 -23.22
N ARG B 440 19.10 -32.20 -23.92
CA ARG B 440 19.67 -33.30 -24.69
C ARG B 440 20.31 -34.36 -23.79
N VAL B 441 20.84 -33.98 -22.64
CA VAL B 441 21.37 -34.97 -21.72
C VAL B 441 20.85 -34.71 -20.31
MG MG C . 27.15 17.29 -25.95
S SO4 D . -14.08 15.38 33.64
O1 SO4 D . -14.67 15.82 32.31
O2 SO4 D . -14.35 13.94 33.94
O3 SO4 D . -12.59 15.58 33.55
O4 SO4 D . -14.70 16.20 34.75
S SO4 E . -5.54 22.77 0.87
O1 SO4 E . -6.88 22.46 0.24
O2 SO4 E . -5.06 21.51 1.57
O3 SO4 E . -4.58 23.24 -0.18
O4 SO4 E . -5.65 23.90 1.85
S SO4 F . -29.81 4.55 19.23
O1 SO4 F . -30.74 3.44 19.64
O2 SO4 F . -28.53 4.37 20.00
O3 SO4 F . -29.50 4.46 17.76
O4 SO4 F . -30.42 5.90 19.53
S SO4 G . -14.04 16.33 6.11
O1 SO4 G . -14.87 16.13 4.88
O2 SO4 G . -13.23 15.09 6.30
O3 SO4 G . -13.16 17.55 5.95
O4 SO4 G . -14.92 16.51 7.33
S SO4 H . -11.92 -2.11 26.88
O1 SO4 H . -12.53 -1.24 25.83
O2 SO4 H . -12.98 -2.86 27.64
O3 SO4 H . -10.96 -3.08 26.25
O4 SO4 H . -11.24 -1.16 27.82
C1 GOL I . -8.77 11.13 -0.80
O1 GOL I . -9.99 11.02 -0.11
C2 GOL I . -8.91 10.58 -2.20
O2 GOL I . -8.55 11.58 -3.11
C3 GOL I . -7.90 9.48 -2.34
O3 GOL I . -6.68 10.17 -2.14
C1 GOL J . -13.00 10.47 30.09
O1 GOL J . -12.56 9.92 31.32
C2 GOL J . -12.41 9.66 28.93
O2 GOL J . -13.46 9.17 28.12
C3 GOL J . -11.44 10.52 28.15
O3 GOL J . -10.62 9.64 27.37
C1 GOL K . -37.41 -1.23 33.94
O1 GOL K . -37.24 0.15 34.17
C2 GOL K . -37.12 -1.54 32.48
O2 GOL K . -37.23 -0.40 31.64
C3 GOL K . -35.71 -2.02 32.32
O3 GOL K . -35.50 -1.88 30.93
C1 GOL L . 6.21 20.72 13.92
O1 GOL L . 7.37 21.45 14.23
C2 GOL L . 6.14 19.55 14.86
O2 GOL L . 5.13 18.70 14.38
C3 GOL L . 7.48 18.82 14.91
O3 GOL L . 7.24 17.45 14.70
C1 GOL M . -13.48 0.44 30.72
O1 GOL M . -12.86 1.69 30.42
C2 GOL M . -14.66 0.20 29.81
O2 GOL M . -14.22 0.37 28.46
C3 GOL M . -15.44 -1.08 30.20
O3 GOL M . -15.15 -2.17 29.32
MG MG N . 1.28 37.31 16.75
S SO4 O . 21.62 8.05 -5.88
O1 SO4 O . 22.61 7.99 -7.03
O2 SO4 O . 22.03 7.06 -4.83
O3 SO4 O . 21.69 9.43 -5.30
O4 SO4 O . 20.21 7.71 -6.32
S SO4 P . 24.00 -11.02 -32.19
O1 SO4 P . 23.01 -10.92 -31.05
O2 SO4 P . 24.47 -12.44 -32.37
O3 SO4 P . 23.30 -10.52 -33.42
O4 SO4 P . 25.17 -10.13 -31.85
S SO4 Q . 20.69 -3.50 -8.60
O1 SO4 Q . 21.29 -4.71 -9.32
O2 SO4 Q . 20.16 -3.83 -7.23
O3 SO4 Q . 21.74 -2.43 -8.52
O4 SO4 Q . 19.52 -3.02 -9.41
C1 GOL R . 15.68 0.04 1.63
O1 GOL R . 15.29 1.39 1.53
C2 GOL R . 15.04 -0.75 0.49
O2 GOL R . 13.97 0.03 -0.01
C3 GOL R . 16.12 -1.02 -0.54
O3 GOL R . 15.55 -1.74 -1.61
#